data_8T06
#
_entry.id   8T06
#
_cell.length_a   1.00
_cell.length_b   1.00
_cell.length_c   1.00
_cell.angle_alpha   90.00
_cell.angle_beta   90.00
_cell.angle_gamma   90.00
#
_symmetry.space_group_name_H-M   'P 1'
#
loop_
_entity.id
_entity.type
_entity.pdbx_description
1 polymer 'Protein myomaker'
2 polymer '18G7 Fab heavy chain'
3 polymer '18G7 Fab light chain'
4 non-polymer 'ZINC ION'
#
loop_
_entity_poly.entity_id
_entity_poly.type
_entity_poly.pdbx_seq_one_letter_code
_entity_poly.pdbx_strand_id
1 'polypeptide(L)'
;MGTVVAKLLLPTLSSLAFLPTVSIATKRRFYMEAMVYLFTMFFVAFSHACDGPGLSVLCFMRRDILEYFSIYGTALSMWV
SLMALADFDEPQRSTFTMLGVLTIAVATFHDRWGYGVYSGPIGTATLIIAVKWLKKMKEKKGLYPDKSIYTQQIGPGLCF
GALALMLRFFFEEWDYTYVHSFYHCALAMSFVLLLPKVNKKAGNAGAPAKLTFSTLCCTCV
;
A,B
2 'polypeptide(L)'
;QVTLKESGPGILQPSQTLSLTCSFSGFSLSTSGMGVSWIRKPSGKGLEWLAHIFWDDDKRYNPSLKSRLTISKDTSSNQV
FLMITSIDTADTATYYCARRTWLLHAMDYWGQGTSVTVSS
;
C,E
3 'polypeptide(L)'
;DIQMTQSPSSLSASLGGKVTITCKASQDINEYIAWYQHKPGKGPRLLIHYTSTLQPGIPSRFSGSGSGRDYSFSISNLEP
EDIATYYCLQYDNLLWTFGGGTKLEIK
;
D,F
#
loop_
_chem_comp.id
_chem_comp.type
_chem_comp.name
_chem_comp.formula
ZN non-polymer 'ZINC ION' 'Zn 2'
#
# COMPACT_ATOMS: atom_id res chain seq x y z
N VAL A 5 21.74 8.07 47.50
CA VAL A 5 22.16 9.30 46.75
C VAL A 5 21.70 9.17 45.29
N ALA A 6 21.34 10.30 44.66
CA ALA A 6 20.65 10.38 43.35
C ALA A 6 21.48 9.79 42.22
N LYS A 7 22.82 9.81 42.32
CA LYS A 7 23.77 9.32 41.27
C LYS A 7 23.60 7.81 41.04
N LEU A 8 23.12 7.06 42.03
CA LEU A 8 22.78 5.61 41.92
C LEU A 8 21.62 5.43 40.93
N LEU A 9 20.54 6.22 41.07
CA LEU A 9 19.27 6.04 40.33
C LEU A 9 19.29 6.75 38.96
N LEU A 10 20.06 7.83 38.82
CA LEU A 10 19.94 8.80 37.68
C LEU A 10 20.24 8.13 36.34
N PRO A 11 21.27 7.25 36.20
CA PRO A 11 21.44 6.48 34.95
C PRO A 11 20.28 5.53 34.61
N THR A 12 19.63 4.93 35.62
CA THR A 12 18.44 4.06 35.42
C THR A 12 17.21 4.92 35.09
N LEU A 13 16.93 5.93 35.91
CA LEU A 13 15.69 6.74 35.86
C LEU A 13 15.61 7.54 34.55
N SER A 14 16.75 8.01 34.01
CA SER A 14 16.82 8.82 32.76
C SER A 14 16.54 7.96 31.52
N SER A 15 16.55 6.63 31.63
CA SER A 15 16.12 5.70 30.54
C SER A 15 14.65 5.94 30.16
N LEU A 16 13.83 6.48 31.07
CA LEU A 16 12.40 6.82 30.83
C LEU A 16 12.26 8.04 29.89
N ALA A 17 13.36 8.66 29.45
CA ALA A 17 13.37 9.71 28.41
C ALA A 17 12.75 9.21 27.11
N PHE A 18 12.78 7.89 26.85
CA PHE A 18 12.18 7.23 25.66
C PHE A 18 10.66 7.06 25.79
N LEU A 19 10.07 7.31 26.97
CA LEU A 19 8.60 7.12 27.20
C LEU A 19 7.81 8.17 26.41
N PRO A 20 8.21 9.47 26.39
CA PRO A 20 7.73 10.40 25.36
C PRO A 20 7.88 9.92 23.91
N THR A 21 9.03 9.31 23.56
CA THR A 21 9.35 8.84 22.18
C THR A 21 8.34 7.78 21.75
N VAL A 22 8.10 6.75 22.57
CA VAL A 22 7.14 5.65 22.26
C VAL A 22 5.71 6.21 22.21
N SER A 23 5.34 7.10 23.14
CA SER A 23 3.99 7.73 23.20
C SER A 23 3.71 8.50 21.91
N ILE A 24 4.66 9.32 21.46
CA ILE A 24 4.57 10.16 20.23
C ILE A 24 4.51 9.24 19.00
N ALA A 25 5.45 8.29 18.89
CA ALA A 25 5.55 7.32 17.76
C ALA A 25 4.24 6.52 17.62
N THR A 26 3.64 6.09 18.74
CA THR A 26 2.34 5.36 18.75
C THR A 26 1.22 6.29 18.26
N LYS A 27 1.17 7.53 18.74
CA LYS A 27 0.13 8.53 18.36
C LYS A 27 0.22 8.84 16.85
N ARG A 28 1.43 8.86 16.28
CA ARG A 28 1.66 9.13 14.83
C ARG A 28 1.50 7.85 13.99
N ARG A 29 1.00 6.76 14.57
CA ARG A 29 0.69 5.47 13.89
C ARG A 29 1.99 4.77 13.43
N PHE A 30 3.14 5.10 14.03
CA PHE A 30 4.43 4.38 13.82
C PHE A 30 4.53 3.25 14.86
N TYR A 31 3.74 2.20 14.64
CA TYR A 31 3.50 1.09 15.60
C TYR A 31 4.75 0.19 15.70
N MET A 32 5.47 -0.04 14.59
CA MET A 32 6.73 -0.83 14.60
C MET A 32 7.81 -0.07 15.36
N GLU A 33 8.01 1.22 15.03
CA GLU A 33 9.05 2.08 15.65
C GLU A 33 8.76 2.20 17.15
N ALA A 34 7.48 2.27 17.52
CA ALA A 34 7.01 2.30 18.93
C ALA A 34 7.44 1.04 19.68
N MET A 35 7.43 -0.14 19.05
CA MET A 35 7.96 -1.40 19.64
C MET A 35 9.45 -1.22 19.97
N VAL A 36 10.22 -0.77 18.98
CA VAL A 36 11.72 -0.72 19.03
C VAL A 36 12.16 0.28 20.10
N TYR A 37 11.44 1.39 20.28
CA TYR A 37 11.71 2.40 21.33
C TYR A 37 11.29 1.86 22.71
N LEU A 38 10.15 1.17 22.79
CA LEU A 38 9.62 0.56 24.04
C LEU A 38 10.56 -0.55 24.50
N PHE A 39 10.95 -1.44 23.58
CA PHE A 39 11.95 -2.53 23.78
C PHE A 39 13.25 -1.93 24.32
N THR A 40 13.74 -0.85 23.69
CA THR A 40 15.01 -0.17 24.08
C THR A 40 14.86 0.45 25.47
N MET A 41 13.73 1.12 25.74
CA MET A 41 13.44 1.75 27.06
C MET A 41 13.57 0.69 28.17
N PHE A 42 12.96 -0.49 27.97
CA PHE A 42 12.98 -1.64 28.91
C PHE A 42 14.43 -2.11 29.11
N PHE A 43 15.15 -2.43 28.04
CA PHE A 43 16.51 -3.05 28.12
C PHE A 43 17.56 -2.03 28.54
N VAL A 44 17.38 -0.74 28.25
CA VAL A 44 18.31 0.34 28.73
C VAL A 44 18.11 0.52 30.24
N ALA A 45 16.86 0.54 30.72
CA ALA A 45 16.51 0.67 32.16
C ALA A 45 17.19 -0.45 32.97
N PHE A 46 16.99 -1.71 32.56
CA PHE A 46 17.47 -2.92 33.29
C PHE A 46 18.99 -3.09 33.12
N SER A 47 19.57 -2.58 32.03
CA SER A 47 21.04 -2.56 31.80
C SER A 47 21.74 -1.70 32.86
N HIS A 48 21.17 -0.55 33.20
CA HIS A 48 21.70 0.40 34.23
C HIS A 48 21.31 -0.06 35.63
N ALA A 49 20.13 -0.66 35.81
CA ALA A 49 19.60 -1.12 37.12
C ALA A 49 20.53 -2.16 37.74
N CYS A 50 21.08 -3.09 36.93
CA CYS A 50 22.03 -4.15 37.39
C CYS A 50 23.37 -3.54 37.82
N ASP A 51 23.82 -2.45 37.19
CA ASP A 51 25.18 -1.89 37.35
C ASP A 51 25.29 -1.12 38.68
N GLY A 52 24.27 -0.32 39.02
CA GLY A 52 24.18 0.44 40.29
C GLY A 52 24.06 -0.50 41.49
N PRO A 53 25.06 -0.57 42.41
CA PRO A 53 25.03 -1.56 43.50
C PRO A 53 23.78 -1.57 44.39
N GLY A 54 23.26 -0.38 44.73
CA GLY A 54 22.13 -0.21 45.68
C GLY A 54 20.77 -0.66 45.14
N LEU A 55 20.63 -0.89 43.83
CA LEU A 55 19.39 -1.46 43.22
C LEU A 55 19.70 -2.63 42.26
N SER A 56 20.94 -3.13 42.22
CA SER A 56 21.39 -4.29 41.40
C SER A 56 20.59 -5.57 41.72
N VAL A 57 19.98 -5.65 42.91
CA VAL A 57 19.22 -6.83 43.41
C VAL A 57 17.92 -7.06 42.61
N LEU A 58 17.36 -6.03 41.97
CA LEU A 58 16.00 -6.10 41.34
C LEU A 58 16.04 -6.82 39.99
N CYS A 59 17.12 -6.69 39.20
CA CYS A 59 17.20 -7.16 37.80
C CYS A 59 17.41 -8.69 37.74
N PHE A 60 16.89 -9.34 36.69
CA PHE A 60 16.52 -10.77 36.68
C PHE A 60 17.10 -11.57 35.49
N MET A 61 17.80 -10.92 34.55
CA MET A 61 18.56 -11.60 33.46
C MET A 61 20.06 -11.31 33.66
N ARG A 62 20.90 -12.16 33.08
CA ARG A 62 22.39 -12.06 33.22
C ARG A 62 22.88 -10.82 32.47
N ARG A 63 23.95 -10.20 32.97
CA ARG A 63 24.48 -8.89 32.51
C ARG A 63 24.73 -8.91 31.00
N ASP A 64 25.21 -10.03 30.47
CA ASP A 64 25.54 -10.28 29.05
C ASP A 64 24.33 -9.92 28.16
N ILE A 65 23.13 -10.38 28.52
CA ILE A 65 21.89 -10.24 27.71
C ILE A 65 21.43 -8.77 27.74
N LEU A 66 21.30 -8.19 28.93
CA LEU A 66 20.77 -6.81 29.14
C LEU A 66 21.72 -5.78 28.53
N GLU A 67 23.04 -6.05 28.61
CA GLU A 67 24.11 -5.25 27.98
C GLU A 67 23.96 -5.27 26.45
N TYR A 68 23.87 -6.47 25.86
CA TYR A 68 23.73 -6.68 24.39
C TYR A 68 22.49 -5.92 23.87
N PHE A 69 21.33 -6.14 24.50
CA PHE A 69 20.02 -5.63 24.02
C PHE A 69 19.84 -4.14 24.32
N SER A 70 20.58 -3.58 25.29
CA SER A 70 20.60 -2.11 25.54
C SER A 70 21.36 -1.41 24.39
N ILE A 71 22.41 -2.04 23.87
CA ILE A 71 23.27 -1.52 22.77
C ILE A 71 22.55 -1.75 21.44
N TYR A 72 22.14 -2.99 21.17
CA TYR A 72 21.42 -3.43 19.94
C TYR A 72 20.13 -2.61 19.78
N GLY A 73 19.32 -2.55 20.84
CA GLY A 73 18.04 -1.81 20.88
C GLY A 73 18.24 -0.35 20.51
N THR A 74 19.27 0.31 21.05
CA THR A 74 19.62 1.72 20.75
C THR A 74 20.01 1.87 19.27
N ALA A 75 20.94 1.04 18.80
CA ALA A 75 21.47 1.06 17.43
C ALA A 75 20.35 0.82 16.41
N LEU A 76 19.39 -0.07 16.74
CA LEU A 76 18.21 -0.36 15.89
C LEU A 76 17.20 0.79 15.98
N SER A 77 17.07 1.45 17.14
CA SER A 77 16.19 2.64 17.33
C SER A 77 16.65 3.77 16.40
N MET A 78 17.96 4.00 16.30
CA MET A 78 18.57 4.97 15.34
C MET A 78 18.19 4.55 13.92
N TRP A 79 18.33 3.27 13.59
CA TRP A 79 18.10 2.71 12.22
C TRP A 79 16.63 2.91 11.81
N VAL A 80 15.67 2.45 12.62
CA VAL A 80 14.22 2.50 12.26
C VAL A 80 13.73 3.96 12.25
N SER A 81 14.34 4.85 13.04
CA SER A 81 14.06 6.32 12.99
C SER A 81 14.48 6.88 11.62
N LEU A 82 15.67 6.48 11.14
CA LEU A 82 16.25 6.96 9.86
C LEU A 82 15.54 6.31 8.67
N MET A 83 15.10 5.04 8.80
CA MET A 83 14.31 4.32 7.76
C MET A 83 12.81 4.69 7.86
N ALA A 84 12.42 5.50 8.86
CA ALA A 84 11.10 6.16 8.94
C ALA A 84 11.16 7.57 8.33
N LEU A 85 12.30 8.27 8.49
CA LEU A 85 12.55 9.62 7.89
C LEU A 85 12.45 9.52 6.36
N ALA A 86 13.22 8.62 5.75
CA ALA A 86 13.08 8.23 4.32
C ALA A 86 11.97 7.17 4.22
N ASP A 87 10.75 7.61 3.95
CA ASP A 87 9.57 6.76 3.68
C ASP A 87 9.82 5.95 2.40
N PHE A 88 9.75 4.62 2.49
CA PHE A 88 9.97 3.68 1.35
C PHE A 88 8.69 2.88 1.09
N ASP A 89 8.52 2.45 -0.17
CA ASP A 89 7.42 1.57 -0.63
C ASP A 89 7.69 0.14 -0.13
N GLU A 90 6.64 -0.69 -0.12
CA GLU A 90 6.53 -1.94 0.68
C GLU A 90 7.70 -2.90 0.46
N PRO A 91 8.13 -3.25 -0.78
CA PRO A 91 9.24 -4.18 -0.96
C PRO A 91 10.60 -3.64 -0.48
N GLN A 92 10.83 -2.33 -0.59
CA GLN A 92 12.07 -1.65 -0.13
C GLN A 92 12.00 -1.38 1.39
N ARG A 93 10.80 -1.08 1.91
CA ARG A 93 10.56 -0.77 3.36
C ARG A 93 10.90 -2.00 4.18
N SER A 94 10.26 -3.12 3.86
CA SER A 94 10.41 -4.43 4.54
C SER A 94 11.85 -4.93 4.41
N THR A 95 12.48 -4.73 3.24
CA THR A 95 13.89 -5.14 2.99
C THR A 95 14.83 -4.32 3.88
N PHE A 96 14.78 -2.98 3.80
CA PHE A 96 15.74 -2.08 4.48
C PHE A 96 15.54 -2.14 6.00
N THR A 97 14.30 -2.31 6.49
CA THR A 97 14.03 -2.59 7.93
C THR A 97 14.83 -3.82 8.37
N MET A 98 14.74 -4.91 7.60
CA MET A 98 15.38 -6.22 7.93
C MET A 98 16.90 -6.14 7.74
N LEU A 99 17.39 -5.33 6.79
CA LEU A 99 18.84 -5.10 6.57
C LEU A 99 19.48 -4.52 7.84
N GLY A 100 18.80 -3.59 8.50
CA GLY A 100 19.23 -3.01 9.80
C GLY A 100 19.28 -4.06 10.89
N VAL A 101 18.18 -4.80 11.06
CA VAL A 101 18.00 -5.86 12.11
C VAL A 101 19.18 -6.83 12.05
N LEU A 102 19.46 -7.39 10.86
CA LEU A 102 20.47 -8.46 10.66
C LEU A 102 21.89 -7.89 10.77
N THR A 103 22.13 -6.69 10.25
CA THR A 103 23.46 -6.01 10.31
C THR A 103 23.81 -5.67 11.76
N ILE A 104 22.89 -5.02 12.48
CA ILE A 104 23.13 -4.50 13.86
C ILE A 104 23.27 -5.68 14.83
N ALA A 105 22.48 -6.75 14.64
CA ALA A 105 22.54 -7.99 15.46
C ALA A 105 23.96 -8.57 15.42
N VAL A 106 24.53 -8.72 14.22
CA VAL A 106 25.91 -9.28 14.00
C VAL A 106 26.95 -8.28 14.55
N ALA A 107 26.81 -7.00 14.22
CA ALA A 107 27.73 -5.91 14.62
C ALA A 107 27.82 -5.82 16.15
N THR A 108 26.67 -5.87 16.84
CA THR A 108 26.59 -5.82 18.33
C THR A 108 27.24 -7.09 18.94
N PHE A 109 27.21 -8.22 18.24
CA PHE A 109 27.81 -9.50 18.70
C PHE A 109 29.33 -9.47 18.50
N HIS A 110 29.76 -9.02 17.31
CA HIS A 110 31.15 -9.13 16.79
C HIS A 110 32.10 -8.19 17.56
N ASP A 111 31.66 -6.97 17.85
CA ASP A 111 32.43 -5.98 18.66
C ASP A 111 31.42 -5.08 19.40
N ARG A 112 31.02 -5.49 20.62
CA ARG A 112 29.84 -4.97 21.37
C ARG A 112 29.99 -3.47 21.64
N TRP A 113 31.18 -3.03 22.08
CA TRP A 113 31.43 -1.67 22.61
C TRP A 113 31.99 -0.74 21.53
N GLY A 114 32.40 -1.27 20.37
CA GLY A 114 32.97 -0.49 19.25
C GLY A 114 31.97 0.48 18.66
N TYR A 115 32.41 1.72 18.39
CA TYR A 115 31.66 2.82 17.69
C TYR A 115 31.15 2.36 16.32
N GLY A 116 31.72 1.26 15.77
CA GLY A 116 31.24 0.57 14.56
C GLY A 116 29.77 0.16 14.63
N VAL A 117 29.24 -0.15 15.82
CA VAL A 117 27.84 -0.63 16.01
C VAL A 117 26.84 0.49 15.65
N TYR A 118 27.24 1.77 15.78
CA TYR A 118 26.41 2.96 15.40
C TYR A 118 26.87 3.53 14.05
N SER A 119 28.17 3.48 13.74
CA SER A 119 28.77 4.02 12.48
C SER A 119 28.23 3.28 11.25
N GLY A 120 28.14 1.94 11.32
CA GLY A 120 27.59 1.09 10.25
C GLY A 120 26.16 1.49 9.89
N PRO A 121 25.19 1.42 10.83
CA PRO A 121 23.83 1.92 10.60
C PRO A 121 23.70 3.38 10.13
N ILE A 122 24.33 4.33 10.83
CA ILE A 122 24.20 5.79 10.54
C ILE A 122 24.80 6.09 9.16
N GLY A 123 25.94 5.47 8.83
CA GLY A 123 26.60 5.59 7.52
C GLY A 123 25.73 5.02 6.39
N THR A 124 25.23 3.79 6.57
CA THR A 124 24.39 3.08 5.57
C THR A 124 23.05 3.80 5.39
N ALA A 125 22.41 4.20 6.50
CA ALA A 125 21.14 4.94 6.51
C ALA A 125 21.30 6.26 5.75
N THR A 126 22.36 7.02 6.04
CA THR A 126 22.65 8.34 5.42
C THR A 126 22.89 8.17 3.91
N LEU A 127 23.59 7.09 3.50
CA LEU A 127 23.83 6.77 2.07
C LEU A 127 22.49 6.50 1.37
N ILE A 128 21.65 5.63 1.95
CA ILE A 128 20.33 5.22 1.40
C ILE A 128 19.40 6.45 1.33
N ILE A 129 19.38 7.27 2.38
CA ILE A 129 18.56 8.52 2.47
C ILE A 129 19.03 9.49 1.39
N ALA A 130 20.33 9.80 1.34
CA ALA A 130 20.95 10.82 0.45
C ALA A 130 20.77 10.40 -1.02
N VAL A 131 20.93 9.11 -1.35
CA VAL A 131 20.75 8.61 -2.75
C VAL A 131 19.27 8.74 -3.14
N LYS A 132 18.33 8.41 -2.25
CA LYS A 132 16.87 8.54 -2.55
C LYS A 132 16.53 10.02 -2.80
N TRP A 133 16.99 10.92 -1.92
CA TRP A 133 16.65 12.36 -1.95
C TRP A 133 17.35 13.06 -3.12
N LEU A 134 18.59 12.70 -3.45
CA LEU A 134 19.33 13.29 -4.61
C LEU A 134 18.64 12.88 -5.92
N LYS A 135 18.18 11.63 -6.04
CA LYS A 135 17.36 11.16 -7.19
C LYS A 135 16.09 12.00 -7.31
N LYS A 136 15.44 12.30 -6.18
CA LYS A 136 14.15 13.04 -6.12
C LYS A 136 14.38 14.53 -6.38
N MET A 137 15.53 15.08 -5.96
CA MET A 137 15.94 16.48 -6.26
C MET A 137 16.22 16.63 -7.76
N LYS A 138 16.81 15.61 -8.39
CA LYS A 138 17.08 15.58 -9.86
C LYS A 138 15.75 15.46 -10.63
N GLU A 139 14.79 14.69 -10.12
CA GLU A 139 13.45 14.50 -10.75
C GLU A 139 12.66 15.82 -10.70
N LYS A 140 12.60 16.46 -9.52
CA LYS A 140 11.72 17.62 -9.25
C LYS A 140 12.45 18.95 -9.50
N LYS A 141 13.77 18.93 -9.68
CA LYS A 141 14.64 20.13 -9.93
C LYS A 141 14.43 21.16 -8.82
N GLY A 142 14.36 20.69 -7.58
CA GLY A 142 14.16 21.51 -6.37
C GLY A 142 14.50 20.74 -5.12
N LEU A 143 14.69 21.45 -4.01
CA LEU A 143 14.98 20.87 -2.66
C LEU A 143 13.83 19.92 -2.29
N TYR A 144 14.08 18.60 -2.25
CA TYR A 144 12.99 17.58 -2.29
C TYR A 144 12.19 17.61 -0.98
N PRO A 145 12.72 17.22 0.21
CA PRO A 145 11.98 17.48 1.45
C PRO A 145 11.88 19.01 1.58
N ASP A 146 10.66 19.54 1.78
CA ASP A 146 10.43 21.01 1.84
C ASP A 146 11.34 21.61 2.93
N LYS A 147 11.75 22.87 2.77
CA LYS A 147 12.56 23.62 3.75
C LYS A 147 11.95 23.49 5.15
N SER A 148 10.62 23.39 5.27
CA SER A 148 9.89 23.16 6.54
C SER A 148 10.32 21.83 7.18
N ILE A 149 10.51 20.76 6.40
CA ILE A 149 10.97 19.43 6.91
C ILE A 149 12.43 19.53 7.37
N TYR A 150 13.28 20.22 6.60
CA TYR A 150 14.72 20.40 6.92
C TYR A 150 14.87 21.17 8.24
N THR A 151 14.11 22.25 8.42
CA THR A 151 14.26 23.19 9.57
C THR A 151 13.54 22.66 10.83
N GLN A 152 12.63 21.67 10.70
CA GLN A 152 11.76 21.22 11.83
C GLN A 152 11.85 19.71 12.12
N GLN A 153 12.55 18.91 11.30
CA GLN A 153 12.76 17.45 11.56
C GLN A 153 14.24 17.09 11.42
N ILE A 154 14.81 17.27 10.23
CA ILE A 154 16.15 16.76 9.85
C ILE A 154 17.22 17.55 10.64
N GLY A 155 17.19 18.88 10.55
CA GLY A 155 18.12 19.78 11.25
C GLY A 155 18.12 19.55 12.77
N PRO A 156 16.96 19.74 13.45
CA PRO A 156 16.85 19.45 14.89
C PRO A 156 17.18 18.02 15.29
N GLY A 157 16.67 17.02 14.55
CA GLY A 157 16.89 15.59 14.82
C GLY A 157 18.36 15.20 14.80
N LEU A 158 19.10 15.65 13.77
CA LEU A 158 20.55 15.36 13.60
C LEU A 158 21.39 16.24 14.54
N CYS A 159 20.90 17.44 14.91
CA CYS A 159 21.54 18.32 15.92
C CYS A 159 21.58 17.62 17.28
N PHE A 160 20.46 17.04 17.72
CA PHE A 160 20.35 16.21 18.94
C PHE A 160 21.16 14.91 18.79
N GLY A 161 21.21 14.36 17.57
CA GLY A 161 21.98 13.15 17.23
C GLY A 161 23.48 13.35 17.46
N ALA A 162 24.03 14.46 16.96
CA ALA A 162 25.45 14.86 17.15
C ALA A 162 25.70 15.14 18.63
N LEU A 163 24.79 15.84 19.32
CA LEU A 163 24.89 16.15 20.78
C LEU A 163 24.97 14.83 21.57
N ALA A 164 24.05 13.89 21.32
CA ALA A 164 23.96 12.57 21.99
C ALA A 164 25.28 11.80 21.80
N LEU A 165 25.75 11.66 20.57
CA LEU A 165 26.96 10.86 20.22
C LEU A 165 28.22 11.52 20.80
N MET A 166 28.28 12.86 20.89
CA MET A 166 29.44 13.59 21.48
C MET A 166 29.37 13.54 23.02
N LEU A 167 28.18 13.48 23.62
CA LEU A 167 28.02 13.20 25.08
C LEU A 167 28.49 11.76 25.37
N ARG A 168 28.16 10.79 24.51
CA ARG A 168 28.48 9.35 24.73
C ARG A 168 29.98 9.10 24.54
N PHE A 169 30.60 9.63 23.48
CA PHE A 169 31.95 9.22 22.99
C PHE A 169 33.06 10.21 23.38
N PHE A 170 32.75 11.49 23.69
CA PHE A 170 33.71 12.42 24.33
C PHE A 170 33.43 12.53 25.84
N PHE A 171 32.39 13.29 26.22
CA PHE A 171 32.25 13.94 27.55
C PHE A 171 31.85 12.94 28.65
N GLU A 172 31.55 11.69 28.30
CA GLU A 172 31.38 10.57 29.26
C GLU A 172 32.71 10.27 29.98
N GLU A 173 33.85 10.69 29.40
CA GLU A 173 35.21 10.55 29.98
C GLU A 173 35.37 11.49 31.20
N TRP A 174 34.65 12.63 31.22
CA TRP A 174 34.73 13.66 32.29
C TRP A 174 33.80 13.28 33.46
N ASP A 175 32.56 12.87 33.16
CA ASP A 175 31.56 12.36 34.14
C ASP A 175 30.66 11.34 33.45
N TYR A 176 30.21 10.32 34.19
CA TYR A 176 29.22 9.30 33.74
C TYR A 176 27.82 9.66 34.25
N THR A 177 27.72 10.20 35.47
CA THR A 177 26.49 10.22 36.31
C THR A 177 25.41 11.10 35.67
N TYR A 178 25.77 12.33 35.25
CA TYR A 178 24.85 13.31 34.62
C TYR A 178 24.93 13.25 33.09
N VAL A 179 26.14 13.05 32.54
CA VAL A 179 26.39 13.06 31.07
C VAL A 179 25.59 11.94 30.40
N HIS A 180 25.54 10.74 31.01
CA HIS A 180 24.82 9.57 30.46
C HIS A 180 23.30 9.77 30.57
N SER A 181 22.83 10.60 31.51
CA SER A 181 21.41 11.05 31.59
C SER A 181 21.11 12.02 30.45
N PHE A 182 21.99 12.99 30.19
CA PHE A 182 21.88 13.96 29.06
C PHE A 182 21.89 13.21 27.73
N TYR A 183 22.64 12.10 27.65
CA TYR A 183 22.73 11.22 26.46
C TYR A 183 21.39 10.53 26.20
N HIS A 184 20.80 9.90 27.23
CA HIS A 184 19.46 9.24 27.16
C HIS A 184 18.41 10.25 26.70
N CYS A 185 18.43 11.48 27.27
CA CYS A 185 17.50 12.58 26.95
C CYS A 185 17.70 13.04 25.50
N ALA A 186 18.93 13.42 25.13
CA ALA A 186 19.29 13.95 23.80
C ALA A 186 18.87 12.96 22.70
N LEU A 187 19.18 11.67 22.88
CA LEU A 187 18.94 10.62 21.87
C LEU A 187 17.45 10.29 21.76
N ALA A 188 16.70 10.36 22.86
CA ALA A 188 15.22 10.20 22.88
C ALA A 188 14.56 11.29 22.02
N MET A 189 15.15 12.50 21.96
CA MET A 189 14.63 13.65 21.18
C MET A 189 14.98 13.49 19.69
N SER A 190 16.11 12.86 19.35
CA SER A 190 16.46 12.53 17.94
C SER A 190 15.41 11.56 17.36
N PHE A 191 15.03 10.55 18.14
CA PHE A 191 14.05 9.50 17.76
C PHE A 191 12.65 10.11 17.59
N VAL A 192 12.35 11.22 18.27
CA VAL A 192 11.08 11.98 18.08
C VAL A 192 11.19 12.82 16.80
N LEU A 193 12.23 13.65 16.70
CA LEU A 193 12.33 14.74 15.69
C LEU A 193 12.63 14.18 14.29
N LEU A 194 13.27 13.01 14.17
CA LEU A 194 13.57 12.37 12.86
C LEU A 194 12.31 11.74 12.26
N LEU A 195 11.30 11.39 13.07
CA LEU A 195 10.03 10.76 12.57
C LEU A 195 9.23 11.79 11.78
N PRO A 196 8.61 11.40 10.64
CA PRO A 196 7.57 12.22 9.99
C PRO A 196 6.39 12.54 10.91
N LYS A 197 5.54 13.48 10.50
CA LYS A 197 4.36 13.96 11.29
C LYS A 197 3.27 12.88 11.32
N VAL A 198 3.15 12.07 10.26
CA VAL A 198 2.20 10.92 10.18
C VAL A 198 2.88 9.74 9.48
N ASN A 199 2.51 8.51 9.85
CA ASN A 199 2.86 7.27 9.11
C ASN A 199 1.94 7.18 7.89
N LYS A 200 2.44 7.61 6.73
CA LYS A 200 1.68 7.69 5.45
C LYS A 200 1.21 6.28 5.02
N LYS A 201 2.01 5.25 5.27
CA LYS A 201 1.74 3.86 4.82
C LYS A 201 0.63 3.21 5.65
N ALA A 202 0.19 3.84 6.76
CA ALA A 202 -0.96 3.39 7.58
C ALA A 202 -2.29 3.63 6.87
N GLY A 203 -2.34 4.60 5.93
CA GLY A 203 -3.53 4.89 5.09
C GLY A 203 -4.64 5.54 5.88
N VAL B 5 36.04 -38.44 4.01
CA VAL B 5 34.75 -39.22 3.99
C VAL B 5 33.57 -38.24 3.99
N ALA B 6 32.48 -38.60 3.32
CA ALA B 6 31.32 -37.72 2.99
C ALA B 6 30.63 -37.19 4.25
N LYS B 7 30.66 -37.92 5.36
CA LYS B 7 29.96 -37.58 6.64
C LYS B 7 30.53 -36.28 7.23
N LEU B 8 31.79 -35.94 6.94
CA LEU B 8 32.44 -34.66 7.33
C LEU B 8 31.71 -33.48 6.65
N LEU B 9 31.48 -33.57 5.33
CA LEU B 9 30.98 -32.45 4.49
C LEU B 9 29.44 -32.38 4.50
N LEU B 10 28.74 -33.50 4.71
CA LEU B 10 27.28 -33.63 4.42
C LEU B 10 26.44 -32.69 5.30
N PRO B 11 26.73 -32.50 6.61
CA PRO B 11 26.04 -31.47 7.40
C PRO B 11 26.28 -30.03 6.91
N THR B 12 27.47 -29.71 6.39
CA THR B 12 27.78 -28.37 5.81
C THR B 12 27.10 -28.24 4.44
N LEU B 13 27.31 -29.20 3.55
CA LEU B 13 26.89 -29.13 2.12
C LEU B 13 25.37 -29.08 2.00
N SER B 14 24.63 -29.77 2.89
CA SER B 14 23.14 -29.83 2.88
C SER B 14 22.50 -28.50 3.31
N SER B 15 23.28 -27.58 3.90
CA SER B 15 22.82 -26.19 4.20
C SER B 15 22.43 -25.45 2.92
N LEU B 16 22.97 -25.84 1.75
CA LEU B 16 22.64 -25.24 0.43
C LEU B 16 21.22 -25.64 -0.02
N ALA B 17 20.49 -26.45 0.74
CA ALA B 17 19.06 -26.77 0.51
C ALA B 17 18.21 -25.48 0.51
N PHE B 18 18.66 -24.42 1.20
CA PHE B 18 17.98 -23.09 1.26
C PHE B 18 18.24 -22.26 -0.01
N LEU B 19 19.15 -22.67 -0.90
CA LEU B 19 19.49 -21.88 -2.12
C LEU B 19 18.31 -21.90 -3.10
N PRO B 20 17.63 -23.04 -3.35
CA PRO B 20 16.28 -23.02 -3.94
C PRO B 20 15.26 -22.09 -3.26
N THR B 21 15.23 -22.07 -1.91
CA THR B 21 14.28 -21.26 -1.10
C THR B 21 14.47 -19.77 -1.38
N VAL B 22 15.71 -19.27 -1.32
CA VAL B 22 16.04 -17.84 -1.57
C VAL B 22 15.77 -17.49 -3.04
N SER B 23 16.12 -18.38 -3.98
CA SER B 23 15.90 -18.19 -5.44
C SER B 23 14.41 -18.03 -5.74
N ILE B 24 13.58 -18.90 -5.18
CA ILE B 24 12.09 -18.91 -5.36
C ILE B 24 11.50 -17.66 -4.71
N ALA B 25 11.86 -17.38 -3.44
CA ALA B 25 11.37 -16.22 -2.66
C ALA B 25 11.70 -14.90 -3.38
N THR B 26 12.90 -14.78 -3.96
CA THR B 26 13.34 -13.60 -4.76
C THR B 26 12.47 -13.48 -6.02
N LYS B 27 12.27 -14.58 -6.75
CA LYS B 27 11.46 -14.62 -8.01
C LYS B 27 10.01 -14.21 -7.71
N ARG B 28 9.47 -14.57 -6.54
CA ARG B 28 8.07 -14.24 -6.14
C ARG B 28 7.99 -12.84 -5.50
N ARG B 29 9.08 -12.05 -5.57
CA ARG B 29 9.14 -10.64 -5.08
C ARG B 29 9.07 -10.58 -3.55
N PHE B 30 9.38 -11.68 -2.84
CA PHE B 30 9.51 -11.72 -1.36
C PHE B 30 10.97 -11.40 -1.01
N TYR B 31 11.35 -10.13 -1.16
CA TYR B 31 12.75 -9.64 -1.08
C TYR B 31 13.24 -9.66 0.37
N MET B 32 12.38 -9.35 1.36
CA MET B 32 12.74 -9.42 2.80
C MET B 32 12.97 -10.88 3.20
N GLU B 33 12.03 -11.77 2.88
CA GLU B 33 12.08 -13.20 3.24
C GLU B 33 13.33 -13.83 2.58
N ALA B 34 13.66 -13.40 1.36
CA ALA B 34 14.87 -13.81 0.60
C ALA B 34 16.14 -13.45 1.39
N MET B 35 16.20 -12.29 2.06
CA MET B 35 17.33 -11.90 2.95
C MET B 35 17.46 -12.95 4.06
N VAL B 36 16.36 -13.23 4.76
CA VAL B 36 16.32 -14.04 6.01
C VAL B 36 16.72 -15.49 5.69
N TYR B 37 16.34 -16.01 4.52
CA TYR B 37 16.72 -17.37 4.06
C TYR B 37 18.20 -17.37 3.63
N LEU B 38 18.65 -16.32 2.93
CA LEU B 38 20.07 -16.18 2.46
C LEU B 38 21.00 -16.05 3.68
N PHE B 39 20.64 -15.18 4.63
CA PHE B 39 21.33 -14.98 5.92
C PHE B 39 21.43 -16.33 6.65
N THR B 40 20.34 -17.08 6.73
CA THR B 40 20.26 -18.40 7.42
C THR B 40 21.16 -19.41 6.68
N MET B 41 21.10 -19.45 5.35
CA MET B 41 21.93 -20.35 4.50
C MET B 41 23.42 -20.15 4.84
N PHE B 42 23.86 -18.89 4.90
CA PHE B 42 25.26 -18.47 5.22
C PHE B 42 25.62 -18.95 6.63
N PHE B 43 24.83 -18.61 7.65
CA PHE B 43 25.16 -18.87 9.08
C PHE B 43 24.98 -20.36 9.42
N VAL B 44 24.07 -21.08 8.75
CA VAL B 44 23.90 -22.56 8.95
C VAL B 44 25.12 -23.28 8.34
N ALA B 45 25.57 -22.86 7.15
CA ALA B 45 26.76 -23.43 6.45
C ALA B 45 28.00 -23.33 7.35
N PHE B 46 28.29 -22.12 7.85
CA PHE B 46 29.52 -21.80 8.64
C PHE B 46 29.41 -22.37 10.07
N SER B 47 28.19 -22.55 10.58
CA SER B 47 27.92 -23.21 11.90
C SER B 47 28.38 -24.67 11.86
N HIS B 48 28.10 -25.39 10.76
CA HIS B 48 28.49 -26.81 10.55
C HIS B 48 29.95 -26.91 10.10
N ALA B 49 30.45 -25.95 9.32
CA ALA B 49 31.82 -25.94 8.77
C ALA B 49 32.86 -25.92 9.90
N CYS B 50 32.61 -25.16 10.98
CA CYS B 50 33.51 -25.08 12.16
C CYS B 50 33.53 -26.41 12.94
N ASP B 51 32.41 -27.14 12.98
CA ASP B 51 32.23 -28.32 13.87
C ASP B 51 32.98 -29.53 13.30
N GLY B 52 32.90 -29.76 11.97
CA GLY B 52 33.61 -30.84 11.27
C GLY B 52 35.12 -30.63 11.31
N PRO B 53 35.92 -31.50 11.99
CA PRO B 53 37.36 -31.27 12.16
C PRO B 53 38.17 -31.02 10.88
N GLY B 54 37.89 -31.78 9.80
CA GLY B 54 38.66 -31.76 8.54
C GLY B 54 38.47 -30.49 7.71
N LEU B 55 37.46 -29.66 7.99
CA LEU B 55 37.27 -28.33 7.32
C LEU B 55 37.02 -27.20 8.33
N SER B 56 37.19 -27.45 9.64
CA SER B 56 37.07 -26.46 10.75
C SER B 56 38.01 -25.26 10.56
N VAL B 57 39.10 -25.43 9.80
CA VAL B 57 40.16 -24.40 9.58
C VAL B 57 39.62 -23.22 8.75
N LEU B 58 38.57 -23.39 7.94
CA LEU B 58 38.12 -22.36 6.95
C LEU B 58 37.31 -21.24 7.63
N CYS B 59 36.54 -21.54 8.68
CA CYS B 59 35.56 -20.60 9.29
C CYS B 59 36.27 -19.57 10.18
N PHE B 60 35.72 -18.35 10.27
CA PHE B 60 36.46 -17.10 10.62
C PHE B 60 35.81 -16.28 11.73
N MET B 61 34.64 -16.68 12.27
CA MET B 61 34.02 -16.08 13.49
C MET B 61 34.00 -17.14 14.59
N ARG B 62 33.90 -16.70 15.85
CA ARG B 62 33.91 -17.57 17.04
C ARG B 62 32.61 -18.40 17.08
N ARG B 63 32.71 -19.63 17.60
CA ARG B 63 31.62 -20.65 17.57
C ARG B 63 30.33 -20.08 18.14
N ASP B 64 30.43 -19.26 19.19
CA ASP B 64 29.31 -18.60 19.91
C ASP B 64 28.41 -17.85 18.92
N ILE B 65 28.99 -17.07 18.02
CA ILE B 65 28.27 -16.17 17.07
C ILE B 65 27.57 -17.02 16.01
N LEU B 66 28.30 -17.93 15.33
CA LEU B 66 27.80 -18.76 14.21
C LEU B 66 26.72 -19.73 14.71
N GLU B 67 26.88 -20.22 15.94
CA GLU B 67 25.89 -21.08 16.65
C GLU B 67 24.59 -20.30 16.87
N TYR B 68 24.69 -19.11 17.49
CA TYR B 68 23.53 -18.22 17.80
C TYR B 68 22.75 -17.91 16.52
N PHE B 69 23.44 -17.44 15.46
CA PHE B 69 22.82 -16.92 14.22
C PHE B 69 22.32 -18.07 13.33
N SER B 70 22.85 -19.29 13.47
CA SER B 70 22.32 -20.48 12.76
C SER B 70 20.96 -20.87 13.37
N ILE B 71 20.79 -20.70 14.68
CA ILE B 71 19.54 -21.03 15.43
C ILE B 71 18.54 -19.89 15.23
N TYR B 72 18.95 -18.65 15.52
CA TYR B 72 18.14 -17.40 15.37
C TYR B 72 17.64 -17.28 13.93
N GLY B 73 18.54 -17.38 12.96
CA GLY B 73 18.25 -17.30 11.51
C GLY B 73 17.18 -18.30 11.11
N THR B 74 17.27 -19.55 11.57
CA THR B 74 16.29 -20.63 11.29
C THR B 74 14.93 -20.27 11.90
N ALA B 75 14.91 -19.92 13.20
CA ALA B 75 13.69 -19.59 13.97
C ALA B 75 12.98 -18.38 13.34
N LEU B 76 13.75 -17.40 12.84
CA LEU B 76 13.21 -16.19 12.15
C LEU B 76 12.74 -16.56 10.74
N SER B 77 13.41 -17.50 10.06
CA SER B 77 12.99 -18.01 8.73
C SER B 77 11.60 -18.65 8.82
N MET B 78 11.36 -19.45 9.87
CA MET B 78 10.03 -20.03 10.18
C MET B 78 9.01 -18.89 10.38
N TRP B 79 9.39 -17.87 11.15
CA TRP B 79 8.51 -16.73 11.52
C TRP B 79 8.09 -15.94 10.27
N VAL B 80 9.05 -15.48 9.46
CA VAL B 80 8.77 -14.62 8.27
C VAL B 80 8.03 -15.43 7.19
N SER B 81 8.24 -16.76 7.12
CA SER B 81 7.47 -17.66 6.23
C SER B 81 6.00 -17.67 6.66
N LEU B 82 5.74 -17.77 7.96
CA LEU B 82 4.37 -17.83 8.54
C LEU B 82 3.70 -16.45 8.52
N MET B 83 4.48 -15.36 8.68
CA MET B 83 3.96 -13.96 8.56
C MET B 83 3.93 -13.52 7.09
N ALA B 84 4.38 -14.36 6.15
CA ALA B 84 4.17 -14.21 4.69
C ALA B 84 2.91 -14.99 4.26
N LEU B 85 2.66 -16.16 4.88
CA LEU B 85 1.45 -17.00 4.61
C LEU B 85 0.20 -16.19 4.92
N ALA B 86 0.10 -15.65 6.14
CA ALA B 86 -0.93 -14.64 6.53
C ALA B 86 -0.44 -13.26 6.09
N ASP B 87 -0.86 -12.84 4.89
CA ASP B 87 -0.61 -11.48 4.33
C ASP B 87 -1.31 -10.45 5.22
N PHE B 88 -0.57 -9.47 5.74
CA PHE B 88 -1.07 -8.39 6.62
C PHE B 88 -0.85 -7.02 5.95
N ASP B 89 -1.71 -6.06 6.28
CA ASP B 89 -1.62 -4.64 5.83
C ASP B 89 -0.48 -3.97 6.60
N GLU B 90 -0.01 -2.83 6.09
CA GLU B 90 1.31 -2.21 6.36
C GLU B 90 1.58 -2.01 7.86
N PRO B 91 0.67 -1.42 8.67
CA PRO B 91 0.94 -1.21 10.10
C PRO B 91 1.05 -2.52 10.90
N GLN B 92 0.27 -3.55 10.54
CA GLN B 92 0.28 -4.89 11.19
C GLN B 92 1.46 -5.72 10.65
N ARG B 93 1.80 -5.57 9.36
CA ARG B 93 2.89 -6.32 8.68
C ARG B 93 4.22 -5.98 9.34
N SER B 94 4.52 -4.69 9.38
CA SER B 94 5.77 -4.11 9.94
C SER B 94 5.87 -4.42 11.43
N THR B 95 4.74 -4.36 12.16
CA THR B 95 4.67 -4.66 13.61
C THR B 95 4.99 -6.15 13.85
N PHE B 96 4.25 -7.05 13.21
CA PHE B 96 4.34 -8.52 13.47
C PHE B 96 5.68 -9.06 12.96
N THR B 97 6.24 -8.52 11.87
CA THR B 97 7.63 -8.84 11.43
C THR B 97 8.61 -8.54 12.58
N MET B 98 8.50 -7.35 13.17
CA MET B 98 9.42 -6.86 14.23
C MET B 98 9.17 -7.61 15.54
N LEU B 99 7.92 -8.01 15.82
CA LEU B 99 7.55 -8.83 17.02
C LEU B 99 8.34 -10.15 17.01
N GLY B 100 8.46 -10.79 15.84
CA GLY B 100 9.26 -12.01 15.65
C GLY B 100 10.73 -11.77 15.93
N VAL B 101 11.30 -10.75 15.27
CA VAL B 101 12.75 -10.35 15.36
C VAL B 101 13.15 -10.21 16.83
N LEU B 102 12.40 -9.41 17.59
CA LEU B 102 12.73 -9.05 19.00
C LEU B 102 12.49 -10.24 19.94
N THR B 103 11.42 -11.01 19.72
CA THR B 103 11.08 -12.20 20.54
C THR B 103 12.15 -13.29 20.35
N ILE B 104 12.48 -13.62 19.09
CA ILE B 104 13.39 -14.75 18.74
C ILE B 104 14.82 -14.39 19.18
N ALA B 105 15.23 -13.12 19.03
CA ALA B 105 16.55 -12.61 19.45
C ALA B 105 16.76 -12.90 20.95
N VAL B 106 15.78 -12.53 21.79
CA VAL B 106 15.84 -12.73 23.27
C VAL B 106 15.76 -14.23 23.58
N ALA B 107 14.83 -14.96 22.96
CA ALA B 107 14.59 -16.40 23.16
C ALA B 107 15.85 -17.20 22.84
N THR B 108 16.53 -16.89 21.72
CA THR B 108 17.79 -17.56 21.29
C THR B 108 18.93 -17.25 22.27
N PHE B 109 18.90 -16.08 22.93
CA PHE B 109 19.93 -15.66 23.92
C PHE B 109 19.67 -16.36 25.25
N HIS B 110 18.42 -16.38 25.70
CA HIS B 110 17.98 -16.76 27.06
C HIS B 110 18.13 -18.27 27.28
N ASP B 111 17.77 -19.09 26.28
CA ASP B 111 17.94 -20.58 26.29
C ASP B 111 18.16 -21.05 24.85
N ARG B 112 19.43 -21.09 24.41
CA ARG B 112 19.85 -21.22 22.99
C ARG B 112 19.33 -22.52 22.37
N TRP B 113 19.44 -23.63 23.08
CA TRP B 113 19.19 -25.00 22.57
C TRP B 113 17.76 -25.48 22.87
N GLY B 114 17.02 -24.77 23.73
CA GLY B 114 15.65 -25.14 24.13
C GLY B 114 14.68 -25.07 22.97
N TYR B 115 13.82 -26.08 22.84
CA TYR B 115 12.69 -26.19 21.87
C TYR B 115 11.75 -24.96 21.96
N GLY B 116 11.80 -24.21 23.06
CA GLY B 116 11.12 -22.90 23.25
C GLY B 116 11.44 -21.89 22.15
N VAL B 117 12.65 -21.92 21.57
CA VAL B 117 13.11 -20.95 20.53
C VAL B 117 12.27 -21.10 19.25
N TYR B 118 11.71 -22.29 18.98
CA TYR B 118 10.82 -22.58 17.83
C TYR B 118 9.34 -22.62 18.27
N SER B 119 9.06 -23.10 19.48
CA SER B 119 7.68 -23.24 20.05
C SER B 119 7.02 -21.86 20.20
N GLY B 120 7.76 -20.87 20.71
CA GLY B 120 7.29 -19.48 20.87
C GLY B 120 6.82 -18.89 19.55
N PRO B 121 7.71 -18.76 18.53
CA PRO B 121 7.30 -18.33 17.19
C PRO B 121 6.16 -19.12 16.53
N ILE B 122 6.26 -20.46 16.46
CA ILE B 122 5.27 -21.34 15.75
C ILE B 122 3.91 -21.23 16.46
N GLY B 123 3.90 -21.21 17.80
CA GLY B 123 2.69 -21.04 18.62
C GLY B 123 2.04 -19.68 18.39
N THR B 124 2.83 -18.60 18.48
CA THR B 124 2.36 -17.19 18.31
C THR B 124 1.89 -16.95 16.87
N ALA B 125 2.66 -17.43 15.89
CA ALA B 125 2.34 -17.33 14.45
C ALA B 125 1.01 -18.04 14.16
N THR B 126 0.84 -19.27 14.66
CA THR B 126 -0.38 -20.10 14.46
C THR B 126 -1.59 -19.41 15.10
N LEU B 127 -1.43 -18.80 16.28
CA LEU B 127 -2.51 -18.04 16.97
C LEU B 127 -2.92 -16.83 16.10
N ILE B 128 -1.95 -16.04 15.63
CA ILE B 128 -2.17 -14.81 14.81
C ILE B 128 -2.82 -15.20 13.47
N ILE B 129 -2.33 -16.28 12.83
CA ILE B 129 -2.86 -16.81 11.55
C ILE B 129 -4.32 -17.28 11.76
N ALA B 130 -4.55 -18.14 12.75
CA ALA B 130 -5.85 -18.79 13.02
C ALA B 130 -6.91 -17.74 13.40
N VAL B 131 -6.54 -16.73 14.20
CA VAL B 131 -7.48 -15.63 14.59
C VAL B 131 -7.84 -14.80 13.36
N LYS B 132 -6.87 -14.47 12.49
CA LYS B 132 -7.14 -13.70 11.24
C LYS B 132 -8.09 -14.50 10.34
N TRP B 133 -7.80 -15.79 10.13
CA TRP B 133 -8.56 -16.65 9.18
C TRP B 133 -9.94 -16.99 9.74
N LEU B 134 -10.08 -17.21 11.05
CA LEU B 134 -11.40 -17.50 11.68
C LEU B 134 -12.31 -16.26 11.59
N LYS B 135 -11.76 -15.05 11.77
CA LYS B 135 -12.49 -13.77 11.56
C LYS B 135 -12.97 -13.70 10.10
N LYS B 136 -12.12 -14.09 9.16
CA LYS B 136 -12.39 -13.99 7.69
C LYS B 136 -13.39 -15.08 7.27
N MET B 137 -13.34 -16.26 7.91
CA MET B 137 -14.32 -17.37 7.70
C MET B 137 -15.70 -16.93 8.23
N LYS B 138 -15.75 -16.20 9.35
CA LYS B 138 -17.01 -15.66 9.92
C LYS B 138 -17.57 -14.55 9.03
N GLU B 139 -16.71 -13.72 8.42
CA GLU B 139 -17.11 -12.61 7.51
C GLU B 139 -17.69 -13.20 6.21
N LYS B 140 -17.00 -14.17 5.60
CA LYS B 140 -17.33 -14.70 4.25
C LYS B 140 -18.25 -15.93 4.33
N LYS B 141 -18.44 -16.51 5.52
CA LYS B 141 -19.29 -17.70 5.78
C LYS B 141 -18.85 -18.86 4.87
N GLY B 142 -17.53 -19.05 4.74
CA GLY B 142 -16.91 -20.08 3.90
C GLY B 142 -15.45 -20.27 4.26
N LEU B 143 -14.85 -21.38 3.84
CA LEU B 143 -13.41 -21.71 4.04
C LEU B 143 -12.57 -20.61 3.41
N TYR B 144 -11.88 -19.78 4.20
CA TYR B 144 -11.36 -18.47 3.74
C TYR B 144 -10.22 -18.67 2.74
N PRO B 145 -9.02 -19.19 3.08
CA PRO B 145 -8.06 -19.57 2.05
C PRO B 145 -8.71 -20.69 1.23
N ASP B 146 -8.77 -20.55 -0.09
CA ASP B 146 -9.45 -21.54 -0.98
C ASP B 146 -8.84 -22.92 -0.72
N LYS B 147 -9.64 -23.98 -0.90
CA LYS B 147 -9.21 -25.40 -0.77
C LYS B 147 -7.91 -25.62 -1.56
N SER B 148 -7.72 -24.92 -2.68
CA SER B 148 -6.48 -24.95 -3.51
C SER B 148 -5.26 -24.50 -2.69
N ILE B 149 -5.41 -23.47 -1.85
CA ILE B 149 -4.30 -22.94 -0.97
C ILE B 149 -4.01 -23.97 0.13
N TYR B 150 -5.05 -24.56 0.73
CA TYR B 150 -4.92 -25.58 1.81
C TYR B 150 -4.17 -26.81 1.28
N THR B 151 -4.55 -27.29 0.09
CA THR B 151 -4.03 -28.58 -0.47
C THR B 151 -2.67 -28.39 -1.14
N GLN B 152 -2.23 -27.15 -1.44
CA GLN B 152 -1.00 -26.89 -2.25
C GLN B 152 0.00 -25.96 -1.56
N GLN B 153 -0.32 -25.35 -0.41
CA GLN B 153 0.64 -24.51 0.38
C GLN B 153 0.65 -24.93 1.85
N ILE B 154 -0.49 -24.82 2.54
CA ILE B 154 -0.60 -24.96 4.02
C ILE B 154 -0.36 -26.43 4.39
N GLY B 155 -1.10 -27.35 3.78
CA GLY B 155 -0.99 -28.81 4.01
C GLY B 155 0.42 -29.32 3.75
N PRO B 156 0.97 -29.18 2.51
CA PRO B 156 2.35 -29.57 2.22
C PRO B 156 3.42 -28.86 3.07
N GLY B 157 3.30 -27.54 3.25
CA GLY B 157 4.25 -26.72 4.03
C GLY B 157 4.38 -27.17 5.47
N LEU B 158 3.24 -27.41 6.14
CA LEU B 158 3.18 -27.87 7.56
C LEU B 158 3.52 -29.36 7.66
N CYS B 159 3.25 -30.15 6.61
CA CYS B 159 3.64 -31.59 6.53
C CYS B 159 5.17 -31.71 6.57
N PHE B 160 5.88 -30.91 5.77
CA PHE B 160 7.36 -30.79 5.75
C PHE B 160 7.85 -30.19 7.07
N GLY B 161 7.09 -29.26 7.66
CA GLY B 161 7.38 -28.62 8.95
C GLY B 161 7.42 -29.62 10.09
N ALA B 162 6.41 -30.49 10.18
CA ALA B 162 6.32 -31.60 11.17
C ALA B 162 7.46 -32.59 10.93
N LEU B 163 7.71 -32.96 9.67
CA LEU B 163 8.82 -33.89 9.27
C LEU B 163 10.17 -33.33 9.75
N ALA B 164 10.45 -32.05 9.45
CA ALA B 164 11.71 -31.35 9.82
C ALA B 164 11.89 -31.38 11.34
N LEU B 165 10.87 -30.95 12.09
CA LEU B 165 10.95 -30.83 13.57
C LEU B 165 11.06 -32.22 14.23
N MET B 166 10.46 -33.26 13.65
CA MET B 166 10.56 -34.65 14.17
C MET B 166 11.90 -35.28 13.78
N LEU B 167 12.50 -34.90 12.64
CA LEU B 167 13.90 -35.27 12.29
C LEU B 167 14.87 -34.59 13.29
N ARG B 168 14.63 -33.31 13.65
CA ARG B 168 15.54 -32.52 14.52
C ARG B 168 15.45 -33.03 15.98
N PHE B 169 14.24 -33.25 16.51
CA PHE B 169 13.98 -33.41 17.97
C PHE B 169 13.79 -34.88 18.37
N PHE B 170 13.42 -35.79 17.47
CA PHE B 170 13.45 -37.27 17.72
C PHE B 170 14.70 -37.87 17.07
N PHE B 171 14.69 -38.08 15.74
CA PHE B 171 15.52 -39.08 15.03
C PHE B 171 16.98 -38.65 14.89
N GLU B 172 17.32 -37.42 15.27
CA GLU B 172 18.72 -36.93 15.41
C GLU B 172 19.44 -37.73 16.52
N GLU B 173 18.69 -38.35 17.45
CA GLU B 173 19.22 -39.21 18.54
C GLU B 173 19.77 -40.52 17.98
N TRP B 174 19.25 -41.01 16.84
CA TRP B 174 19.65 -42.28 16.18
C TRP B 174 20.88 -42.05 15.28
N ASP B 175 20.87 -41.00 14.48
CA ASP B 175 22.02 -40.56 13.62
C ASP B 175 21.97 -39.04 13.47
N TYR B 176 23.13 -38.39 13.37
CA TYR B 176 23.30 -36.94 13.09
C TYR B 176 23.60 -36.72 11.60
N THR B 177 24.38 -37.62 10.99
CA THR B 177 25.14 -37.39 9.73
C THR B 177 24.18 -37.20 8.55
N TYR B 178 23.19 -38.08 8.40
CA TYR B 178 22.18 -38.05 7.30
C TYR B 178 20.88 -37.36 7.76
N VAL B 179 20.47 -37.57 9.02
CA VAL B 179 19.18 -37.05 9.57
C VAL B 179 19.21 -35.51 9.54
N HIS B 180 20.34 -34.90 9.91
CA HIS B 180 20.49 -33.41 9.94
C HIS B 180 20.53 -32.84 8.53
N SER B 181 20.95 -33.63 7.52
CA SER B 181 20.83 -33.27 6.08
C SER B 181 19.37 -33.31 5.65
N PHE B 182 18.62 -34.35 6.03
CA PHE B 182 17.17 -34.51 5.75
C PHE B 182 16.40 -33.36 6.41
N TYR B 183 16.86 -32.89 7.57
CA TYR B 183 16.28 -31.75 8.34
C TYR B 183 16.46 -30.44 7.55
N HIS B 184 17.68 -30.15 7.09
CA HIS B 184 18.00 -28.95 6.25
C HIS B 184 17.13 -28.96 4.99
N CYS B 185 17.00 -30.12 4.34
CA CYS B 185 16.20 -30.30 3.09
C CYS B 185 14.71 -30.09 3.39
N ALA B 186 14.16 -30.82 4.36
CA ALA B 186 12.73 -30.80 4.75
C ALA B 186 12.31 -29.37 5.09
N LEU B 187 13.10 -28.66 5.89
CA LEU B 187 12.77 -27.31 6.42
C LEU B 187 12.89 -26.25 5.31
N ALA B 188 13.83 -26.42 4.38
CA ALA B 188 13.97 -25.57 3.17
C ALA B 188 12.70 -25.64 2.31
N MET B 189 12.03 -26.80 2.28
CA MET B 189 10.79 -27.02 1.48
C MET B 189 9.57 -26.41 2.20
N SER B 190 9.56 -26.38 3.55
CA SER B 190 8.49 -25.67 4.32
C SER B 190 8.53 -24.17 3.99
N PHE B 191 9.73 -23.59 3.95
CA PHE B 191 9.97 -22.14 3.67
C PHE B 191 9.57 -21.79 2.24
N VAL B 192 9.59 -22.75 1.30
CA VAL B 192 9.08 -22.59 -0.09
C VAL B 192 7.56 -22.68 -0.08
N LEU B 193 7.01 -23.77 0.47
CA LEU B 193 5.59 -24.17 0.29
C LEU B 193 4.66 -23.29 1.13
N LEU B 194 5.13 -22.70 2.24
CA LEU B 194 4.30 -21.79 3.09
C LEU B 194 4.16 -20.40 2.43
N LEU B 195 5.07 -20.00 1.54
CA LEU B 195 5.00 -18.68 0.85
C LEU B 195 3.82 -18.66 -0.13
N PRO B 196 3.07 -17.54 -0.23
CA PRO B 196 2.13 -17.33 -1.33
C PRO B 196 2.80 -17.38 -2.71
N LYS B 197 1.99 -17.44 -3.78
CA LYS B 197 2.46 -17.55 -5.18
C LYS B 197 3.08 -16.22 -5.65
N VAL B 198 2.59 -15.08 -5.12
CA VAL B 198 3.14 -13.72 -5.41
C VAL B 198 3.10 -12.89 -4.12
N ASN B 199 4.06 -11.97 -3.97
CA ASN B 199 4.05 -10.90 -2.93
C ASN B 199 3.07 -9.83 -3.40
N LYS B 200 1.83 -9.87 -2.90
CA LYS B 200 0.72 -8.95 -3.29
C LYS B 200 1.07 -7.50 -2.95
N LYS B 201 1.78 -7.25 -1.85
CA LYS B 201 2.12 -5.90 -1.35
C LYS B 201 3.20 -5.24 -2.21
N ALA B 202 3.85 -5.97 -3.13
CA ALA B 202 4.83 -5.42 -4.10
C ALA B 202 4.12 -4.60 -5.19
N GLY B 203 2.84 -4.86 -5.46
CA GLY B 203 2.00 -4.09 -6.40
C GLY B 203 2.40 -4.37 -7.85
N GLN C 1 13.68 43.99 -5.51
CA GLN C 1 12.54 43.74 -6.45
C GLN C 1 12.76 42.44 -7.23
N VAL C 2 11.66 41.79 -7.64
CA VAL C 2 11.62 40.79 -8.73
C VAL C 2 10.45 41.17 -9.65
N THR C 3 10.66 41.13 -10.97
CA THR C 3 9.67 41.54 -11.99
C THR C 3 9.74 40.64 -13.22
N LEU C 4 8.58 40.37 -13.83
CA LEU C 4 8.43 39.79 -15.19
C LEU C 4 7.41 40.62 -15.97
N LYS C 5 7.56 40.71 -17.30
CA LYS C 5 6.66 41.46 -18.22
C LYS C 5 6.41 40.61 -19.48
N GLU C 6 5.15 40.44 -19.88
CA GLU C 6 4.74 39.66 -21.08
C GLU C 6 4.47 40.63 -22.24
N SER C 7 5.05 40.37 -23.41
CA SER C 7 4.85 41.16 -24.66
C SER C 7 4.59 40.22 -25.85
N GLY C 8 3.65 40.61 -26.72
CA GLY C 8 3.22 39.84 -27.90
C GLY C 8 2.35 40.65 -28.85
N PRO C 9 1.78 40.03 -29.92
CA PRO C 9 1.00 40.76 -30.92
C PRO C 9 -0.40 41.22 -30.48
N GLY C 10 -1.02 40.50 -29.54
CA GLY C 10 -2.35 40.85 -28.98
C GLY C 10 -3.47 40.41 -29.89
N ILE C 11 -3.68 41.13 -31.00
CA ILE C 11 -4.76 40.89 -32.01
C ILE C 11 -4.11 40.35 -33.29
N LEU C 12 -4.60 39.22 -33.81
CA LEU C 12 -4.09 38.57 -35.05
C LEU C 12 -5.09 37.53 -35.56
N GLN C 13 -4.84 36.96 -36.75
CA GLN C 13 -5.74 35.97 -37.41
C GLN C 13 -5.58 34.61 -36.75
N PRO C 14 -6.62 33.73 -36.78
CA PRO C 14 -6.43 32.29 -36.58
C PRO C 14 -5.62 31.65 -37.73
N SER C 15 -5.32 30.36 -37.61
CA SER C 15 -4.53 29.56 -38.60
C SER C 15 -3.16 30.20 -38.82
N GLN C 16 -2.50 30.61 -37.73
CA GLN C 16 -1.24 31.40 -37.69
C GLN C 16 -0.40 30.92 -36.50
N THR C 17 0.89 31.26 -36.45
CA THR C 17 1.79 31.05 -35.29
C THR C 17 2.04 32.40 -34.63
N LEU C 18 1.88 32.50 -33.30
CA LEU C 18 2.15 33.74 -32.52
C LEU C 18 3.39 33.52 -31.63
N SER C 19 4.18 34.57 -31.46
CA SER C 19 5.34 34.65 -30.54
C SER C 19 4.91 35.41 -29.27
N LEU C 20 5.10 34.78 -28.10
CA LEU C 20 4.93 35.41 -26.77
C LEU C 20 6.31 35.52 -26.12
N THR C 21 6.61 36.68 -25.55
CA THR C 21 7.95 37.03 -25.01
C THR C 21 7.83 37.51 -23.57
N CYS C 22 8.66 36.96 -22.69
CA CYS C 22 8.74 37.26 -21.24
C CYS C 22 10.10 37.91 -20.95
N SER C 23 10.10 39.15 -20.45
CA SER C 23 11.32 39.89 -20.02
C SER C 23 11.25 40.11 -18.51
N PHE C 24 12.38 39.92 -17.80
CA PHE C 24 12.41 39.81 -16.33
C PHE C 24 13.69 40.42 -15.75
N SER C 25 13.64 40.78 -14.46
CA SER C 25 14.72 41.46 -13.71
C SER C 25 14.59 41.21 -12.20
N GLY C 26 15.66 41.45 -11.44
CA GLY C 26 15.82 41.06 -10.03
C GLY C 26 16.49 39.70 -9.89
N PHE C 27 16.44 38.88 -10.95
CA PHE C 27 17.08 37.55 -11.06
C PHE C 27 17.51 37.34 -12.52
N SER C 28 18.27 36.27 -12.78
CA SER C 28 18.63 35.80 -14.14
C SER C 28 18.39 34.29 -14.23
N LEU C 29 17.91 33.80 -15.38
CA LEU C 29 17.62 32.36 -15.62
C LEU C 29 18.95 31.57 -15.70
N SER C 30 20.09 32.25 -15.83
CA SER C 30 21.45 31.67 -15.70
C SER C 30 21.72 31.17 -14.27
N THR C 31 20.96 31.65 -13.26
CA THR C 31 21.13 31.28 -11.83
C THR C 31 20.79 29.79 -11.65
N SER C 32 21.59 29.08 -10.85
CA SER C 32 21.46 27.62 -10.58
C SER C 32 20.10 27.32 -9.94
N GLY C 33 19.37 26.36 -10.53
CA GLY C 33 18.04 25.89 -10.07
C GLY C 33 16.88 26.82 -10.46
N MET C 34 17.13 27.87 -11.24
CA MET C 34 16.10 28.89 -11.62
C MET C 34 15.30 28.38 -12.83
N GLY C 35 14.02 28.76 -12.90
CA GLY C 35 13.10 28.38 -14.00
C GLY C 35 12.13 29.49 -14.32
N VAL C 36 11.69 29.56 -15.58
CA VAL C 36 10.60 30.46 -16.06
C VAL C 36 9.50 29.57 -16.66
N SER C 37 8.25 29.92 -16.37
CA SER C 37 7.02 29.15 -16.67
C SER C 37 6.15 29.98 -17.61
N TRP C 38 5.33 29.33 -18.45
CA TRP C 38 4.23 29.99 -19.19
C TRP C 38 2.90 29.34 -18.81
N ILE C 39 1.90 30.19 -18.58
CA ILE C 39 0.54 29.85 -18.08
C ILE C 39 -0.42 30.85 -18.72
N ARG C 40 -1.65 30.42 -18.98
CA ARG C 40 -2.67 31.27 -19.64
C ARG C 40 -4.02 31.04 -18.95
N LYS C 41 -4.85 32.09 -18.83
CA LYS C 41 -6.30 31.98 -18.50
C LYS C 41 -7.09 32.08 -19.80
N PRO C 42 -7.66 30.97 -20.33
CA PRO C 42 -8.59 31.04 -21.46
C PRO C 42 -9.88 31.77 -21.02
N SER C 43 -10.54 32.46 -21.97
CA SER C 43 -11.63 33.43 -21.70
C SER C 43 -12.77 32.77 -20.90
N GLY C 44 -12.82 33.05 -19.59
CA GLY C 44 -13.87 32.56 -18.67
C GLY C 44 -13.58 31.19 -18.07
N LYS C 45 -12.38 30.65 -18.27
CA LYS C 45 -11.95 29.31 -17.77
C LYS C 45 -11.04 29.47 -16.54
N GLY C 46 -10.77 28.36 -15.84
CA GLY C 46 -9.70 28.26 -14.83
C GLY C 46 -8.33 28.30 -15.49
N LEU C 47 -7.27 28.52 -14.70
CA LEU C 47 -5.87 28.70 -15.22
C LEU C 47 -5.38 27.40 -15.85
N GLU C 48 -4.60 27.53 -16.93
CA GLU C 48 -3.99 26.41 -17.71
C GLU C 48 -2.49 26.65 -17.81
N TRP C 49 -1.68 25.73 -17.24
CA TRP C 49 -0.21 25.69 -17.42
C TRP C 49 0.13 25.28 -18.86
N LEU C 50 1.15 25.91 -19.46
CA LEU C 50 1.57 25.69 -20.86
C LEU C 50 2.93 24.99 -20.90
N ALA C 51 3.96 25.62 -20.32
CA ALA C 51 5.38 25.26 -20.56
C ALA C 51 6.28 25.68 -19.41
N HIS C 52 7.41 24.96 -19.27
CA HIS C 52 8.57 25.30 -18.40
C HIS C 52 9.82 25.43 -19.26
N ILE C 53 10.75 26.30 -18.85
CA ILE C 53 12.18 26.29 -19.28
C ILE C 53 13.05 26.57 -18.05
N PHE C 54 14.19 25.89 -17.96
CA PHE C 54 15.04 25.80 -16.75
C PHE C 54 16.45 26.32 -17.07
N TRP C 55 17.18 26.67 -16.00
CA TRP C 55 18.61 27.14 -16.01
C TRP C 55 19.50 26.20 -16.82
N ASP C 56 19.24 24.88 -16.76
CA ASP C 56 20.04 23.81 -17.42
C ASP C 56 19.59 23.61 -18.88
N ASP C 57 18.63 24.43 -19.36
CA ASP C 57 18.02 24.39 -20.72
C ASP C 57 17.18 23.12 -20.89
N ASP C 58 16.68 22.53 -19.79
CA ASP C 58 15.64 21.47 -19.83
C ASP C 58 14.29 22.17 -20.03
N LYS C 59 13.35 21.48 -20.67
CA LYS C 59 12.07 22.04 -21.17
C LYS C 59 10.94 21.03 -20.98
N ARG C 60 9.73 21.55 -20.80
CA ARG C 60 8.52 20.75 -20.48
C ARG C 60 7.31 21.45 -21.09
N TYR C 61 6.39 20.67 -21.66
CA TYR C 61 5.20 21.15 -22.41
C TYR C 61 3.94 20.42 -21.94
N ASN C 62 2.81 21.12 -21.98
CA ASN C 62 1.47 20.61 -21.60
C ASN C 62 1.06 19.52 -22.60
N PRO C 63 0.85 18.25 -22.17
CA PRO C 63 0.49 17.17 -23.10
C PRO C 63 -0.70 17.39 -24.04
N SER C 64 -1.68 18.20 -23.62
CA SER C 64 -2.89 18.52 -24.44
C SER C 64 -2.50 19.37 -25.66
N LEU C 65 -1.47 20.21 -25.55
CA LEU C 65 -1.09 21.22 -26.57
C LEU C 65 0.35 21.05 -27.10
N LYS C 66 1.14 20.08 -26.57
CA LYS C 66 2.61 19.98 -26.76
C LYS C 66 3.04 20.03 -28.24
N SER C 67 2.16 19.63 -29.17
CA SER C 67 2.43 19.60 -30.63
C SER C 67 2.59 21.00 -31.23
N ARG C 68 2.25 22.07 -30.51
CA ARG C 68 2.20 23.46 -31.04
C ARG C 68 2.77 24.49 -30.03
N LEU C 69 3.69 24.08 -29.16
CA LEU C 69 4.48 25.00 -28.30
C LEU C 69 5.97 24.81 -28.58
N THR C 70 6.72 25.92 -28.69
CA THR C 70 8.20 25.93 -28.75
C THR C 70 8.72 27.05 -27.83
N ILE C 71 9.26 26.68 -26.67
CA ILE C 71 9.86 27.63 -25.69
C ILE C 71 11.34 27.78 -26.03
N SER C 72 11.95 28.91 -25.62
CA SER C 72 13.39 29.20 -25.75
C SER C 72 13.76 30.38 -24.84
N LYS C 73 15.06 30.63 -24.65
CA LYS C 73 15.59 31.58 -23.64
C LYS C 73 16.75 32.39 -24.20
N ASP C 74 17.00 33.56 -23.60
CA ASP C 74 18.19 34.42 -23.83
C ASP C 74 18.59 35.06 -22.50
N THR C 75 19.75 34.67 -21.95
CA THR C 75 20.29 35.15 -20.65
C THR C 75 21.07 36.46 -20.85
N SER C 76 21.36 36.85 -22.10
CA SER C 76 22.04 38.14 -22.42
C SER C 76 21.07 39.31 -22.21
N SER C 77 19.84 39.20 -22.72
CA SER C 77 18.74 40.19 -22.55
C SER C 77 17.93 39.91 -21.28
N ASN C 78 18.06 38.72 -20.69
CA ASN C 78 17.17 38.17 -19.62
C ASN C 78 15.75 38.15 -20.17
N GLN C 79 15.51 37.31 -21.19
CA GLN C 79 14.19 37.09 -21.83
C GLN C 79 13.97 35.60 -22.09
N VAL C 80 12.70 35.20 -22.14
CA VAL C 80 12.22 33.84 -22.52
C VAL C 80 11.10 34.01 -23.55
N PHE C 81 11.08 33.15 -24.57
CA PHE C 81 10.18 33.23 -25.75
C PHE C 81 9.42 31.91 -25.87
N LEU C 82 8.11 32.01 -26.14
CA LEU C 82 7.21 30.85 -26.37
C LEU C 82 6.42 31.08 -27.65
N MET C 83 6.42 30.09 -28.56
CA MET C 83 5.62 30.11 -29.81
C MET C 83 4.44 29.13 -29.67
N ILE C 84 3.21 29.61 -29.88
CA ILE C 84 2.00 28.76 -30.08
C ILE C 84 1.72 28.71 -31.58
N THR C 85 1.74 27.51 -32.19
CA THR C 85 1.45 27.30 -33.64
C THR C 85 -0.04 26.97 -33.84
N SER C 86 -0.54 27.15 -35.07
CA SER C 86 -1.91 26.81 -35.54
C SER C 86 -2.96 27.37 -34.55
N ILE C 87 -2.91 28.68 -34.29
CA ILE C 87 -3.71 29.36 -33.24
C ILE C 87 -5.19 29.44 -33.68
N ASP C 88 -6.10 29.35 -32.71
CA ASP C 88 -7.55 29.07 -32.89
C ASP C 88 -8.33 29.81 -31.81
N THR C 89 -9.65 29.98 -32.00
CA THR C 89 -10.54 30.81 -31.12
C THR C 89 -10.49 30.34 -29.65
N ALA C 90 -10.15 29.08 -29.40
CA ALA C 90 -9.91 28.51 -28.03
C ALA C 90 -8.71 29.20 -27.35
N ASP C 91 -7.78 29.76 -28.12
CA ASP C 91 -6.55 30.46 -27.62
C ASP C 91 -6.84 31.93 -27.26
N THR C 92 -8.09 32.39 -27.34
CA THR C 92 -8.52 33.71 -26.82
C THR C 92 -8.37 33.69 -25.29
N ALA C 93 -7.27 34.26 -24.79
CA ALA C 93 -6.77 34.04 -23.41
C ALA C 93 -5.89 35.22 -22.97
N THR C 94 -5.73 35.40 -21.66
CA THR C 94 -4.63 36.19 -21.06
C THR C 94 -3.46 35.23 -20.77
N TYR C 95 -2.28 35.53 -21.30
CA TYR C 95 -1.04 34.73 -21.15
C TYR C 95 -0.14 35.38 -20.09
N TYR C 96 0.34 34.58 -19.13
CA TYR C 96 1.24 34.97 -18.02
C TYR C 96 2.56 34.19 -18.14
N CYS C 97 3.67 34.79 -17.71
CA CYS C 97 4.97 34.10 -17.44
C CYS C 97 5.36 34.33 -15.98
N ALA C 98 5.93 33.32 -15.31
CA ALA C 98 6.17 33.30 -13.85
C ALA C 98 7.51 32.63 -13.52
N ARG C 99 8.16 33.11 -12.46
CA ARG C 99 9.50 32.63 -12.01
C ARG C 99 9.34 31.55 -10.94
N ARG C 100 9.77 30.32 -11.27
CA ARG C 100 9.94 29.19 -10.30
C ARG C 100 11.37 29.22 -9.76
N THR C 101 11.52 28.85 -8.49
CA THR C 101 12.80 28.79 -7.72
C THR C 101 13.19 27.34 -7.44
N TRP C 102 14.35 27.12 -6.78
CA TRP C 102 14.86 25.78 -6.37
C TRP C 102 14.33 25.42 -4.97
N LEU C 103 14.38 26.36 -4.02
CA LEU C 103 14.04 26.12 -2.59
C LEU C 103 12.56 25.70 -2.47
N LEU C 104 11.67 26.41 -3.17
CA LEU C 104 10.23 26.07 -3.32
C LEU C 104 9.89 26.05 -4.81
N HIS C 105 9.15 25.04 -5.27
CA HIS C 105 9.02 24.66 -6.70
C HIS C 105 7.89 25.43 -7.38
N ALA C 106 6.81 25.75 -6.66
CA ALA C 106 5.69 26.57 -7.18
C ALA C 106 6.20 27.99 -7.48
N MET C 107 5.71 28.61 -8.54
CA MET C 107 6.16 29.96 -9.00
C MET C 107 5.77 31.00 -7.95
N ASP C 108 6.63 32.00 -7.69
CA ASP C 108 6.45 32.96 -6.57
C ASP C 108 6.37 34.42 -7.06
N TYR C 109 6.75 34.71 -8.31
CA TYR C 109 6.46 36.00 -8.99
C TYR C 109 5.87 35.73 -10.37
N TRP C 110 4.66 36.25 -10.61
CA TRP C 110 3.97 36.30 -11.93
C TRP C 110 4.22 37.67 -12.56
N GLY C 111 4.29 37.74 -13.89
CA GLY C 111 4.15 39.00 -14.65
C GLY C 111 2.70 39.47 -14.63
N GLN C 112 2.45 40.68 -15.14
CA GLN C 112 1.11 41.35 -15.07
C GLN C 112 0.11 40.65 -15.99
N GLY C 113 0.59 39.89 -16.99
CA GLY C 113 -0.23 39.13 -17.94
C GLY C 113 -0.63 39.98 -19.14
N THR C 114 -0.69 39.38 -20.33
CA THR C 114 -0.98 40.08 -21.60
C THR C 114 -2.09 39.33 -22.36
N SER C 115 -3.06 40.07 -22.88
CA SER C 115 -4.24 39.56 -23.62
C SER C 115 -3.81 39.06 -25.01
N VAL C 116 -4.36 37.94 -25.44
CA VAL C 116 -4.28 37.41 -26.83
C VAL C 116 -5.71 37.14 -27.31
N THR C 117 -6.05 37.63 -28.50
CA THR C 117 -7.34 37.32 -29.19
C THR C 117 -7.04 37.03 -30.66
N VAL C 118 -7.63 35.96 -31.21
CA VAL C 118 -7.44 35.55 -32.62
C VAL C 118 -8.82 35.54 -33.31
N SER C 119 -8.96 36.37 -34.37
CA SER C 119 -10.27 36.71 -34.98
C SER C 119 -10.08 37.29 -36.38
N SER C 120 -11.17 37.30 -37.17
CA SER C 120 -11.27 37.90 -38.53
C SER C 120 -12.07 39.21 -38.45
N ASP D 1 -2.84 14.28 -16.56
CA ASP D 1 -2.32 15.02 -15.35
C ASP D 1 -3.41 15.05 -14.27
N ILE D 2 -3.01 15.23 -13.00
CA ILE D 2 -3.90 15.06 -11.81
C ILE D 2 -4.86 16.27 -11.74
N GLN D 3 -6.13 16.05 -12.05
CA GLN D 3 -7.20 17.08 -12.01
C GLN D 3 -7.51 17.39 -10.54
N MET D 4 -7.86 18.65 -10.24
CA MET D 4 -8.27 19.12 -8.89
C MET D 4 -9.58 19.92 -9.01
N THR D 5 -10.41 19.85 -7.97
CA THR D 5 -11.69 20.60 -7.86
C THR D 5 -11.70 21.42 -6.56
N GLN D 6 -11.75 22.75 -6.68
CA GLN D 6 -12.13 23.67 -5.58
C GLN D 6 -13.65 23.58 -5.42
N SER D 7 -14.12 23.19 -4.23
CA SER D 7 -15.54 22.83 -3.95
C SER D 7 -16.46 24.02 -4.26
N PRO D 8 -16.28 25.23 -3.67
CA PRO D 8 -17.03 26.41 -4.10
C PRO D 8 -16.39 27.12 -5.30
N SER D 9 -17.17 27.30 -6.37
CA SER D 9 -16.77 28.09 -7.58
C SER D 9 -16.85 29.59 -7.28
N SER D 10 -17.75 30.00 -6.38
CA SER D 10 -17.84 31.38 -5.84
C SER D 10 -18.40 31.36 -4.42
N LEU D 11 -17.98 32.33 -3.59
CA LEU D 11 -18.39 32.49 -2.18
C LEU D 11 -18.84 33.93 -1.93
N SER D 12 -19.93 34.09 -1.16
CA SER D 12 -20.42 35.38 -0.62
C SER D 12 -20.13 35.40 0.90
N ALA D 13 -19.32 36.35 1.37
CA ALA D 13 -18.78 36.40 2.75
C ALA D 13 -18.82 37.84 3.30
N SER D 14 -19.17 37.97 4.58
CA SER D 14 -19.20 39.27 5.32
C SER D 14 -17.78 39.76 5.56
N LEU D 15 -17.55 41.08 5.41
CA LEU D 15 -16.31 41.79 5.80
C LEU D 15 -16.13 41.61 7.32
N GLY D 16 -14.98 41.08 7.74
CA GLY D 16 -14.68 40.75 9.15
C GLY D 16 -15.15 39.36 9.56
N GLY D 17 -15.64 38.56 8.60
CA GLY D 17 -16.05 37.16 8.80
C GLY D 17 -14.94 36.19 8.41
N LYS D 18 -15.05 34.94 8.88
CA LYS D 18 -14.17 33.82 8.45
C LYS D 18 -14.69 33.26 7.12
N VAL D 19 -13.79 32.73 6.29
CA VAL D 19 -14.14 32.02 5.02
C VAL D 19 -13.09 30.94 4.75
N THR D 20 -13.50 29.84 4.13
CA THR D 20 -12.65 28.66 3.80
C THR D 20 -12.99 28.12 2.41
N ILE D 21 -11.96 27.67 1.69
CA ILE D 21 -12.07 26.97 0.37
C ILE D 21 -11.48 25.57 0.55
N THR D 22 -12.23 24.54 0.13
CA THR D 22 -11.77 23.12 0.11
C THR D 22 -11.35 22.75 -1.30
N CYS D 23 -10.14 22.19 -1.44
CA CYS D 23 -9.59 21.62 -2.69
C CYS D 23 -9.49 20.10 -2.56
N LYS D 24 -10.04 19.37 -3.53
CA LYS D 24 -9.97 17.89 -3.63
C LYS D 24 -9.17 17.52 -4.88
N ALA D 25 -8.06 16.79 -4.71
CA ALA D 25 -7.22 16.27 -5.81
C ALA D 25 -7.70 14.86 -6.20
N SER D 26 -7.51 14.48 -7.47
CA SER D 26 -7.95 13.18 -8.06
C SER D 26 -7.02 12.04 -7.62
N GLN D 27 -5.81 12.36 -7.13
CA GLN D 27 -4.83 11.42 -6.55
C GLN D 27 -4.13 12.08 -5.35
N ASP D 28 -3.42 11.29 -4.54
CA ASP D 28 -2.52 11.78 -3.46
C ASP D 28 -1.40 12.62 -4.11
N ILE D 29 -1.22 13.87 -3.66
CA ILE D 29 -0.24 14.83 -4.23
C ILE D 29 0.74 15.32 -3.14
N ASN D 30 0.91 14.56 -2.05
CA ASN D 30 2.10 14.60 -1.16
C ASN D 30 2.36 16.01 -0.60
N GLU D 31 1.29 16.75 -0.29
CA GLU D 31 1.32 18.10 0.34
C GLU D 31 1.98 19.15 -0.55
N TYR D 32 2.14 18.91 -1.87
CA TYR D 32 2.64 19.92 -2.84
C TYR D 32 1.45 20.64 -3.46
N ILE D 33 0.74 21.43 -2.65
CA ILE D 33 -0.23 22.47 -3.10
C ILE D 33 0.38 23.83 -2.76
N ALA D 34 0.13 24.83 -3.62
CA ALA D 34 0.32 26.27 -3.33
C ALA D 34 -0.98 27.01 -3.65
N TRP D 35 -1.30 28.03 -2.84
CA TRP D 35 -2.55 28.85 -2.97
C TRP D 35 -2.19 30.27 -3.43
N TYR D 36 -2.91 30.76 -4.46
CA TYR D 36 -2.67 32.06 -5.12
C TYR D 36 -3.90 32.96 -5.00
N GLN D 37 -3.66 34.24 -4.72
CA GLN D 37 -4.67 35.33 -4.77
C GLN D 37 -4.53 36.05 -6.11
N HIS D 38 -5.43 35.78 -7.05
CA HIS D 38 -5.53 36.50 -8.36
C HIS D 38 -6.48 37.68 -8.19
N LYS D 39 -5.92 38.86 -7.88
CA LYS D 39 -6.63 40.16 -7.86
C LYS D 39 -6.79 40.64 -9.30
N PRO D 40 -8.02 40.77 -9.84
CA PRO D 40 -8.22 41.12 -11.25
C PRO D 40 -7.49 42.39 -11.73
N GLY D 41 -6.91 42.32 -12.93
CA GLY D 41 -6.13 43.41 -13.56
C GLY D 41 -4.69 43.45 -13.09
N LYS D 42 -4.23 42.44 -12.33
CA LYS D 42 -2.84 42.32 -11.81
C LYS D 42 -2.40 40.85 -11.88
N GLY D 43 -1.09 40.60 -11.85
CA GLY D 43 -0.50 39.26 -11.75
C GLY D 43 -0.84 38.63 -10.40
N PRO D 44 -1.14 37.30 -10.32
CA PRO D 44 -1.41 36.64 -9.04
C PRO D 44 -0.28 36.78 -8.00
N ARG D 45 -0.64 36.80 -6.72
CA ARG D 45 0.30 36.72 -5.57
C ARG D 45 0.26 35.30 -5.00
N LEU D 46 1.44 34.77 -4.67
CA LEU D 46 1.60 33.52 -3.87
C LEU D 46 1.31 33.85 -2.40
N LEU D 47 0.35 33.15 -1.79
CA LEU D 47 0.00 33.29 -0.35
C LEU D 47 0.67 32.17 0.45
N ILE D 48 0.43 30.90 0.05
CA ILE D 48 0.89 29.68 0.77
C ILE D 48 1.59 28.77 -0.25
N HIS D 49 2.84 28.33 0.04
CA HIS D 49 3.74 27.65 -0.93
C HIS D 49 3.96 26.17 -0.58
N TYR D 50 3.36 25.68 0.50
CA TYR D 50 3.19 24.24 0.83
C TYR D 50 1.70 24.12 1.24
N THR D 51 1.29 23.07 1.96
CA THR D 51 -0.10 22.95 2.47
C THR D 51 -0.45 24.11 3.41
N SER D 52 0.52 24.57 4.21
CA SER D 52 0.29 25.52 5.33
C SER D 52 1.33 26.65 5.40
N THR D 53 2.52 26.48 4.81
CA THR D 53 3.65 27.45 4.91
C THR D 53 3.32 28.72 4.14
N LEU D 54 3.13 29.84 4.85
CA LEU D 54 2.88 31.18 4.25
C LEU D 54 4.17 31.71 3.61
N GLN D 55 4.02 32.44 2.51
CA GLN D 55 5.08 33.27 1.86
C GLN D 55 5.41 34.43 2.80
N PRO D 56 6.68 34.89 2.91
CA PRO D 56 7.00 36.06 3.72
C PRO D 56 6.32 37.34 3.21
N GLY D 57 5.79 38.15 4.13
CA GLY D 57 5.08 39.42 3.84
C GLY D 57 3.59 39.21 3.58
N ILE D 58 3.02 38.08 4.01
CA ILE D 58 1.57 37.73 3.88
C ILE D 58 0.93 37.84 5.26
N PRO D 59 -0.19 38.60 5.42
CA PRO D 59 -0.88 38.72 6.71
C PRO D 59 -1.32 37.36 7.31
N SER D 60 -1.26 37.26 8.64
CA SER D 60 -1.41 36.01 9.44
C SER D 60 -2.83 35.43 9.39
N ARG D 61 -3.83 36.15 8.84
CA ARG D 61 -5.21 35.65 8.70
C ARG D 61 -5.25 34.43 7.77
N PHE D 62 -4.43 34.45 6.72
CA PHE D 62 -4.31 33.35 5.72
C PHE D 62 -3.68 32.14 6.39
N SER D 63 -4.27 30.97 6.17
CA SER D 63 -3.76 29.66 6.63
C SER D 63 -4.32 28.55 5.75
N GLY D 64 -3.59 27.44 5.67
CA GLY D 64 -4.02 26.22 4.95
C GLY D 64 -3.73 24.99 5.78
N SER D 65 -4.46 23.91 5.52
CA SER D 65 -4.31 22.61 6.22
C SER D 65 -4.75 21.47 5.28
N GLY D 66 -4.82 20.25 5.81
CA GLY D 66 -5.18 19.04 5.06
C GLY D 66 -3.96 18.32 4.55
N SER D 67 -4.12 17.07 4.11
CA SER D 67 -3.03 16.16 3.66
C SER D 67 -3.63 14.98 2.88
N GLY D 68 -3.06 14.68 1.70
CA GLY D 68 -3.43 13.53 0.86
C GLY D 68 -4.83 13.64 0.30
N ARG D 69 -4.98 14.38 -0.81
CA ARG D 69 -6.18 14.45 -1.70
C ARG D 69 -7.24 15.44 -1.22
N ASP D 70 -7.12 15.99 0.00
CA ASP D 70 -8.09 16.96 0.56
C ASP D 70 -7.33 18.01 1.36
N TYR D 71 -7.34 19.25 0.86
CA TYR D 71 -6.70 20.43 1.49
C TYR D 71 -7.71 21.55 1.59
N SER D 72 -7.42 22.44 2.52
CA SER D 72 -8.29 23.59 2.84
C SER D 72 -7.42 24.84 2.92
N PHE D 73 -7.97 25.94 2.41
CA PHE D 73 -7.44 27.32 2.50
C PHE D 73 -8.45 28.12 3.32
N SER D 74 -7.96 29.04 4.16
CA SER D 74 -8.76 29.73 5.19
C SER D 74 -8.30 31.18 5.34
N ILE D 75 -9.27 32.08 5.57
CA ILE D 75 -9.06 33.49 5.99
C ILE D 75 -9.85 33.70 7.28
N SER D 76 -9.21 34.24 8.32
CA SER D 76 -9.86 34.63 9.60
C SER D 76 -10.11 36.14 9.65
N ASN D 77 -11.39 36.53 9.68
CA ASN D 77 -11.86 37.94 9.80
C ASN D 77 -11.34 38.74 8.60
N LEU D 78 -11.84 38.43 7.40
CA LEU D 78 -11.32 38.92 6.10
C LEU D 78 -11.52 40.45 5.97
N GLU D 79 -10.55 41.12 5.35
CA GLU D 79 -10.56 42.57 5.01
C GLU D 79 -11.22 42.75 3.64
N PRO D 80 -11.66 43.98 3.26
CA PRO D 80 -12.17 44.23 1.91
C PRO D 80 -11.07 44.12 0.82
N GLU D 81 -9.80 44.21 1.23
CA GLU D 81 -8.61 43.99 0.36
C GLU D 81 -8.51 42.51 -0.06
N ASP D 82 -9.09 41.59 0.71
CA ASP D 82 -9.01 40.12 0.49
C ASP D 82 -10.01 39.64 -0.57
N ILE D 83 -10.87 40.51 -1.09
CA ILE D 83 -11.86 40.17 -2.15
C ILE D 83 -11.09 39.99 -3.48
N ALA D 84 -11.03 38.75 -3.97
CA ALA D 84 -10.20 38.33 -5.13
C ALA D 84 -10.71 36.97 -5.64
N THR D 85 -10.10 36.45 -6.71
CA THR D 85 -10.24 35.03 -7.14
C THR D 85 -9.07 34.23 -6.58
N TYR D 86 -9.36 33.11 -5.88
CA TYR D 86 -8.38 32.25 -5.21
C TYR D 86 -8.24 30.91 -5.96
N TYR D 87 -7.00 30.58 -6.35
CA TYR D 87 -6.64 29.32 -7.05
C TYR D 87 -5.75 28.47 -6.15
N CYS D 88 -5.95 27.16 -6.18
CA CYS D 88 -4.98 26.13 -5.71
C CYS D 88 -4.21 25.58 -6.90
N LEU D 89 -2.90 25.43 -6.74
CA LEU D 89 -1.96 24.82 -7.71
C LEU D 89 -1.47 23.50 -7.12
N GLN D 90 -1.68 22.39 -7.83
CA GLN D 90 -0.94 21.11 -7.62
C GLN D 90 0.40 21.26 -8.33
N TYR D 91 1.52 20.98 -7.65
CA TYR D 91 2.88 21.09 -8.21
C TYR D 91 3.74 19.88 -7.80
N ASP D 92 3.11 18.72 -7.56
CA ASP D 92 3.81 17.45 -7.21
C ASP D 92 4.57 16.97 -8.46
N ASN D 93 3.87 16.72 -9.56
CA ASN D 93 4.45 16.48 -10.91
C ASN D 93 4.86 17.84 -11.50
N LEU D 94 5.78 17.87 -12.46
CA LEU D 94 6.07 19.08 -13.27
C LEU D 94 4.94 19.33 -14.28
N LEU D 95 3.98 18.42 -14.40
CA LEU D 95 2.66 18.68 -15.04
C LEU D 95 1.77 19.42 -14.03
N TRP D 96 2.07 20.71 -13.82
CA TRP D 96 1.33 21.63 -12.92
C TRP D 96 -0.14 21.68 -13.31
N THR D 97 -1.03 21.63 -12.33
CA THR D 97 -2.50 21.65 -12.52
C THR D 97 -3.14 22.58 -11.47
N PHE D 98 -4.01 23.48 -11.92
CA PHE D 98 -4.79 24.39 -11.05
C PHE D 98 -6.18 23.80 -10.80
N GLY D 99 -6.80 24.20 -9.69
CA GLY D 99 -8.26 24.11 -9.48
C GLY D 99 -8.98 25.12 -10.36
N GLY D 100 -10.32 25.06 -10.39
CA GLY D 100 -11.16 25.94 -11.23
C GLY D 100 -11.16 27.39 -10.77
N GLY D 101 -10.65 27.67 -9.56
CA GLY D 101 -10.63 29.01 -8.95
C GLY D 101 -11.93 29.30 -8.23
N THR D 102 -11.85 30.03 -7.11
CA THR D 102 -13.01 30.47 -6.29
C THR D 102 -13.07 32.00 -6.33
N LYS D 103 -14.15 32.57 -6.88
CA LYS D 103 -14.39 34.04 -6.88
C LYS D 103 -15.08 34.41 -5.55
N LEU D 104 -14.31 34.95 -4.61
CA LEU D 104 -14.83 35.48 -3.32
C LEU D 104 -15.47 36.85 -3.57
N GLU D 105 -16.63 37.12 -2.94
CA GLU D 105 -17.40 38.37 -3.09
C GLU D 105 -17.88 38.84 -1.70
N ILE D 106 -17.95 40.16 -1.50
CA ILE D 106 -18.37 40.81 -0.23
C ILE D 106 -19.90 40.72 -0.10
N LYS D 107 -20.39 40.38 1.09
CA LYS D 107 -21.84 40.34 1.44
C LYS D 107 -22.23 41.67 2.10
N GLN E 1 -27.57 -36.70 -6.86
CA GLN E 1 -28.21 -35.51 -7.53
C GLN E 1 -28.23 -34.31 -6.56
N VAL E 2 -28.21 -33.10 -7.11
CA VAL E 2 -28.64 -31.84 -6.45
C VAL E 2 -29.58 -31.10 -7.41
N THR E 3 -30.70 -30.59 -6.90
CA THR E 3 -31.77 -29.93 -7.71
C THR E 3 -32.35 -28.73 -6.94
N LEU E 4 -32.71 -27.68 -7.68
CA LEU E 4 -33.57 -26.56 -7.23
C LEU E 4 -34.62 -26.28 -8.31
N LYS E 5 -35.81 -25.83 -7.91
CA LYS E 5 -36.96 -25.51 -8.80
C LYS E 5 -37.60 -24.19 -8.34
N GLU E 6 -37.82 -23.24 -9.26
CA GLU E 6 -38.43 -21.92 -8.98
C GLU E 6 -39.92 -21.95 -9.39
N SER E 7 -40.81 -21.52 -8.49
CA SER E 7 -42.28 -21.44 -8.73
C SER E 7 -42.81 -20.08 -8.25
N GLY E 8 -43.73 -19.49 -9.03
CA GLY E 8 -44.33 -18.17 -8.78
C GLY E 8 -45.54 -17.90 -9.69
N PRO E 9 -46.12 -16.67 -9.64
CA PRO E 9 -47.33 -16.36 -10.40
C PRO E 9 -47.14 -16.18 -11.92
N GLY E 10 -45.94 -15.77 -12.36
CA GLY E 10 -45.59 -15.60 -13.78
C GLY E 10 -46.11 -14.28 -14.34
N ILE E 11 -47.43 -14.21 -14.58
CA ILE E 11 -48.13 -13.02 -15.17
C ILE E 11 -48.99 -12.38 -14.07
N LEU E 12 -48.84 -11.06 -13.87
CA LEU E 12 -49.59 -10.29 -12.84
C LEU E 12 -49.46 -8.78 -13.11
N GLN E 13 -50.20 -7.95 -12.36
CA GLN E 13 -50.23 -6.47 -12.54
C GLN E 13 -48.98 -5.86 -11.94
N PRO E 14 -48.52 -4.67 -12.42
CA PRO E 14 -47.62 -3.81 -11.66
C PRO E 14 -48.32 -3.22 -10.41
N SER E 15 -47.56 -2.49 -9.58
CA SER E 15 -48.02 -1.85 -8.32
C SER E 15 -48.59 -2.92 -7.37
N GLN E 16 -47.89 -4.04 -7.26
CA GLN E 16 -48.31 -5.28 -6.54
C GLN E 16 -47.06 -5.89 -5.87
N THR E 17 -47.24 -6.81 -4.92
CA THR E 17 -46.16 -7.65 -4.32
C THR E 17 -46.29 -9.07 -4.87
N LEU E 18 -45.19 -9.66 -5.36
CA LEU E 18 -45.17 -11.06 -5.87
C LEU E 18 -44.33 -11.93 -4.91
N SER E 19 -44.75 -13.18 -4.74
CA SER E 19 -44.04 -14.25 -4.00
C SER E 19 -43.32 -15.17 -5.00
N LEU E 20 -42.01 -15.32 -4.83
CA LEU E 20 -41.18 -16.31 -5.57
C LEU E 20 -40.71 -17.38 -4.58
N THR E 21 -40.83 -18.65 -4.98
CA THR E 21 -40.59 -19.83 -4.10
C THR E 21 -39.59 -20.77 -4.77
N CYS E 22 -38.58 -21.19 -4.01
CA CYS E 22 -37.49 -22.11 -4.41
C CYS E 22 -37.62 -23.40 -3.60
N SER E 23 -37.83 -24.54 -4.27
CA SER E 23 -37.88 -25.91 -3.67
C SER E 23 -36.69 -26.71 -4.17
N PHE E 24 -36.01 -27.46 -3.28
CA PHE E 24 -34.68 -28.07 -3.55
C PHE E 24 -34.55 -29.43 -2.86
N SER E 25 -33.63 -30.25 -3.36
CA SER E 25 -33.36 -31.65 -2.91
C SER E 25 -31.93 -32.07 -3.27
N GLY E 26 -31.45 -33.14 -2.63
CA GLY E 26 -30.04 -33.57 -2.65
C GLY E 26 -29.25 -32.99 -1.49
N PHE E 27 -29.74 -31.88 -0.92
CA PHE E 27 -29.18 -31.17 0.26
C PHE E 27 -30.34 -30.57 1.06
N SER E 28 -30.05 -30.06 2.26
CA SER E 28 -30.99 -29.27 3.11
C SER E 28 -30.28 -28.01 3.60
N LEU E 29 -31.00 -26.89 3.68
CA LEU E 29 -30.46 -25.58 4.15
C LEU E 29 -30.18 -25.62 5.65
N SER E 30 -30.69 -26.65 6.36
CA SER E 30 -30.32 -26.98 7.77
C SER E 30 -28.85 -27.40 7.89
N THR E 31 -28.20 -27.82 6.79
CA THR E 31 -26.79 -28.29 6.77
C THR E 31 -25.86 -27.11 7.11
N SER E 32 -24.83 -27.36 7.93
CA SER E 32 -23.85 -26.35 8.41
C SER E 32 -23.10 -25.72 7.22
N GLY E 33 -23.09 -24.38 7.16
CA GLY E 33 -22.42 -23.57 6.13
C GLY E 33 -23.18 -23.49 4.80
N MET E 34 -24.41 -24.03 4.72
CA MET E 34 -25.21 -24.08 3.46
C MET E 34 -25.97 -22.77 3.28
N GLY E 35 -26.17 -22.35 2.03
CA GLY E 35 -26.89 -21.11 1.66
C GLY E 35 -27.70 -21.28 0.39
N VAL E 36 -28.80 -20.54 0.29
CA VAL E 36 -29.63 -20.43 -0.95
C VAL E 36 -29.67 -18.95 -1.36
N SER E 37 -29.55 -18.70 -2.65
CA SER E 37 -29.37 -17.38 -3.30
C SER E 37 -30.58 -17.12 -4.20
N TRP E 38 -30.93 -15.85 -4.42
CA TRP E 38 -31.87 -15.44 -5.50
C TRP E 38 -31.16 -14.45 -6.44
N ILE E 39 -31.38 -14.67 -7.73
CA ILE E 39 -30.71 -13.96 -8.86
C ILE E 39 -31.74 -13.92 -9.99
N ARG E 40 -31.70 -12.86 -10.80
CA ARG E 40 -32.66 -12.66 -11.91
C ARG E 40 -31.91 -12.12 -13.13
N LYS E 41 -32.32 -12.52 -14.34
CA LYS E 41 -31.92 -11.86 -15.62
C LYS E 41 -33.06 -10.94 -16.05
N PRO E 42 -32.94 -9.60 -15.91
CA PRO E 42 -33.91 -8.67 -16.48
C PRO E 42 -33.86 -8.75 -18.02
N SER E 43 -35.00 -8.49 -18.67
CA SER E 43 -35.23 -8.77 -20.13
C SER E 43 -34.16 -8.07 -20.98
N GLY E 44 -33.18 -8.84 -21.46
CA GLY E 44 -32.11 -8.38 -22.36
C GLY E 44 -30.90 -7.79 -21.64
N LYS E 45 -30.84 -7.91 -20.30
CA LYS E 45 -29.74 -7.37 -19.45
C LYS E 45 -28.80 -8.51 -19.03
N GLY E 46 -27.65 -8.16 -18.46
CA GLY E 46 -26.76 -9.09 -17.72
C GLY E 46 -27.39 -9.51 -16.41
N LEU E 47 -26.86 -10.56 -15.77
CA LEU E 47 -27.45 -11.17 -14.54
C LEU E 47 -27.34 -10.18 -13.37
N GLU E 48 -28.37 -10.18 -12.52
CA GLU E 48 -28.48 -9.33 -11.30
C GLU E 48 -28.74 -10.21 -10.09
N TRP E 49 -27.82 -10.20 -9.12
CA TRP E 49 -28.00 -10.85 -7.78
C TRP E 49 -29.04 -10.05 -6.98
N LEU E 50 -29.91 -10.76 -6.25
CA LEU E 50 -31.02 -10.17 -5.46
C LEU E 50 -30.75 -10.33 -3.95
N ALA E 51 -30.61 -11.58 -3.49
CA ALA E 51 -30.68 -11.93 -2.05
C ALA E 51 -29.92 -13.22 -1.73
N HIS E 52 -29.49 -13.33 -0.47
CA HIS E 52 -28.96 -14.56 0.18
C HIS E 52 -29.80 -14.90 1.41
N ILE E 53 -29.92 -16.19 1.70
CA ILE E 53 -30.33 -16.71 3.05
C ILE E 53 -29.45 -17.91 3.38
N PHE E 54 -29.07 -18.03 4.65
CA PHE E 54 -28.02 -18.95 5.15
C PHE E 54 -28.60 -19.90 6.19
N TRP E 55 -27.89 -21.02 6.42
CA TRP E 55 -28.18 -22.07 7.44
C TRP E 55 -28.42 -21.46 8.82
N ASP E 56 -27.69 -20.40 9.18
CA ASP E 56 -27.75 -19.72 10.51
C ASP E 56 -28.89 -18.68 10.54
N ASP E 57 -29.67 -18.58 9.46
CA ASP E 57 -30.80 -17.63 9.27
C ASP E 57 -30.27 -16.20 9.15
N ASP E 58 -29.01 -16.01 8.74
CA ASP E 58 -28.48 -14.68 8.33
C ASP E 58 -28.95 -14.42 6.90
N LYS E 59 -29.11 -13.14 6.56
CA LYS E 59 -29.79 -12.68 5.32
C LYS E 59 -29.07 -11.46 4.75
N ARG E 60 -29.14 -11.30 3.43
CA ARG E 60 -28.41 -10.25 2.67
C ARG E 60 -29.25 -9.87 1.45
N TYR E 61 -29.31 -8.57 1.15
CA TYR E 61 -30.17 -7.98 0.09
C TYR E 61 -29.34 -7.03 -0.78
N ASN E 62 -29.70 -6.95 -2.06
CA ASN E 62 -29.06 -6.06 -3.07
C ASN E 62 -29.36 -4.61 -2.70
N PRO E 63 -28.33 -3.76 -2.41
CA PRO E 63 -28.56 -2.37 -2.01
C PRO E 63 -29.44 -1.50 -2.92
N SER E 64 -29.47 -1.78 -4.23
CA SER E 64 -30.28 -1.04 -5.22
C SER E 64 -31.78 -1.30 -4.98
N LEU E 65 -32.15 -2.50 -4.50
CA LEU E 65 -33.57 -2.95 -4.39
C LEU E 65 -33.96 -3.32 -2.94
N LYS E 66 -33.05 -3.25 -1.97
CA LYS E 66 -33.21 -3.84 -0.61
C LYS E 66 -34.52 -3.41 0.08
N SER E 67 -35.09 -2.26 -0.28
CA SER E 67 -36.34 -1.71 0.32
C SER E 67 -37.58 -2.55 -0.03
N ARG E 68 -37.49 -3.49 -0.98
CA ARG E 68 -38.66 -4.24 -1.53
C ARG E 68 -38.33 -5.72 -1.74
N LEU E 69 -37.41 -6.30 -0.95
CA LEU E 69 -37.16 -7.77 -0.91
C LEU E 69 -37.36 -8.25 0.53
N THR E 70 -38.05 -9.39 0.70
CA THR E 70 -38.15 -10.13 1.99
C THR E 70 -37.96 -11.63 1.71
N ILE E 71 -36.78 -12.15 2.07
CA ILE E 71 -36.44 -13.60 1.93
C ILE E 71 -36.87 -14.31 3.23
N SER E 72 -37.11 -15.61 3.14
CA SER E 72 -37.42 -16.51 4.29
C SER E 72 -37.25 -17.98 3.86
N LYS E 73 -37.26 -18.90 4.82
CA LYS E 73 -36.90 -20.33 4.61
C LYS E 73 -37.84 -21.26 5.37
N ASP E 74 -37.91 -22.52 4.92
CA ASP E 74 -38.60 -23.65 5.60
C ASP E 74 -37.79 -24.93 5.35
N THR E 75 -37.16 -25.46 6.40
CA THR E 75 -36.31 -26.69 6.34
C THR E 75 -37.18 -27.95 6.48
N SER E 76 -38.46 -27.83 6.84
CA SER E 76 -39.42 -28.96 6.93
C SER E 76 -39.79 -29.43 5.50
N SER E 77 -40.14 -28.48 4.62
CA SER E 77 -40.46 -28.72 3.18
C SER E 77 -39.20 -28.69 2.30
N ASN E 78 -38.08 -28.16 2.83
CA ASN E 78 -36.86 -27.79 2.05
C ASN E 78 -37.26 -26.80 0.96
N GLN E 79 -37.71 -25.61 1.39
CA GLN E 79 -38.10 -24.49 0.50
C GLN E 79 -37.55 -23.16 1.04
N VAL E 80 -37.36 -22.20 0.13
CA VAL E 80 -36.97 -20.78 0.43
C VAL E 80 -37.91 -19.88 -0.37
N PHE E 81 -38.34 -18.77 0.23
CA PHE E 81 -39.36 -17.84 -0.29
C PHE E 81 -38.77 -16.43 -0.34
N LEU E 82 -39.00 -15.71 -1.45
CA LEU E 82 -38.57 -14.31 -1.65
C LEU E 82 -39.78 -13.49 -2.12
N MET E 83 -40.05 -12.35 -1.47
CA MET E 83 -41.11 -11.39 -1.88
C MET E 83 -40.44 -10.15 -2.47
N ILE E 84 -40.83 -9.77 -3.70
CA ILE E 84 -40.52 -8.44 -4.31
C ILE E 84 -41.78 -7.59 -4.19
N THR E 85 -41.70 -6.45 -3.50
CA THR E 85 -42.82 -5.48 -3.31
C THR E 85 -42.77 -4.40 -4.39
N SER E 86 -43.91 -3.72 -4.62
CA SER E 86 -44.08 -2.56 -5.54
C SER E 86 -43.49 -2.88 -6.92
N ILE E 87 -43.94 -3.99 -7.52
CA ILE E 87 -43.34 -4.55 -8.78
C ILE E 87 -43.72 -3.67 -9.98
N ASP E 88 -42.81 -3.58 -10.95
CA ASP E 88 -42.77 -2.56 -12.02
C ASP E 88 -42.20 -3.20 -13.30
N THR E 89 -42.38 -2.57 -14.46
CA THR E 89 -42.03 -3.11 -15.81
C THR E 89 -40.53 -3.47 -15.89
N ALA E 90 -39.67 -2.84 -15.08
CA ALA E 90 -38.23 -3.16 -14.94
C ALA E 90 -38.03 -4.58 -14.38
N ASP E 91 -39.02 -5.12 -13.65
CA ASP E 91 -38.97 -6.47 -13.03
C ASP E 91 -39.40 -7.56 -14.02
N THR E 92 -39.66 -7.24 -15.29
CA THR E 92 -39.88 -8.23 -16.38
C THR E 92 -38.57 -8.99 -16.60
N ALA E 93 -38.45 -10.19 -16.01
CA ALA E 93 -37.18 -10.91 -15.81
C ALA E 93 -37.44 -12.42 -15.69
N THR E 94 -36.40 -13.22 -15.93
CA THR E 94 -36.32 -14.64 -15.48
C THR E 94 -35.63 -14.66 -14.12
N TYR E 95 -36.28 -15.23 -13.11
CA TYR E 95 -35.78 -15.35 -11.71
C TYR E 95 -35.24 -16.76 -11.49
N TYR E 96 -34.03 -16.84 -10.93
CA TYR E 96 -33.30 -18.10 -10.58
C TYR E 96 -33.04 -18.14 -9.07
N CYS E 97 -33.01 -19.33 -8.48
CA CYS E 97 -32.48 -19.61 -7.12
C CYS E 97 -31.35 -20.64 -7.24
N ALA E 98 -30.30 -20.49 -6.43
CA ALA E 98 -29.03 -21.26 -6.56
C ALA E 98 -28.45 -21.60 -5.19
N ARG E 99 -27.79 -22.77 -5.08
CA ARG E 99 -27.22 -23.31 -3.81
C ARG E 99 -25.74 -22.91 -3.72
N ARG E 100 -25.41 -22.08 -2.72
CA ARG E 100 -24.02 -21.78 -2.29
C ARG E 100 -23.61 -22.77 -1.19
N THR E 101 -22.33 -23.16 -1.19
CA THR E 101 -21.69 -24.11 -0.24
C THR E 101 -20.72 -23.37 0.70
N TRP E 102 -20.09 -24.10 1.62
CA TRP E 102 -19.08 -23.57 2.57
C TRP E 102 -17.67 -23.67 1.96
N LEU E 103 -17.33 -24.81 1.35
CA LEU E 103 -15.96 -25.12 0.83
C LEU E 103 -15.59 -24.12 -0.28
N LEU E 104 -16.53 -23.87 -1.20
CA LEU E 104 -16.43 -22.82 -2.25
C LEU E 104 -17.69 -21.95 -2.18
N HIS E 105 -17.54 -20.63 -2.26
CA HIS E 105 -18.59 -19.64 -1.86
C HIS E 105 -19.51 -19.31 -3.04
N ALA E 106 -19.03 -19.33 -4.27
CA ALA E 106 -19.85 -19.13 -5.49
C ALA E 106 -20.85 -20.29 -5.62
N MET E 107 -22.07 -20.01 -6.07
CA MET E 107 -23.16 -21.03 -6.19
C MET E 107 -22.77 -22.06 -7.24
N ASP E 108 -23.09 -23.34 -7.01
CA ASP E 108 -22.61 -24.47 -7.86
C ASP E 108 -23.76 -25.27 -8.47
N TYR E 109 -25.01 -25.11 -7.98
CA TYR E 109 -26.24 -25.60 -8.66
C TYR E 109 -27.27 -24.48 -8.73
N TRP E 110 -27.70 -24.13 -9.94
CA TRP E 110 -28.83 -23.22 -10.25
C TRP E 110 -30.08 -24.07 -10.53
N GLY E 111 -31.26 -23.55 -10.18
CA GLY E 111 -32.55 -24.05 -10.69
C GLY E 111 -32.73 -23.67 -12.15
N GLN E 112 -33.77 -24.19 -12.81
CA GLN E 112 -34.00 -24.04 -14.27
C GLN E 112 -34.41 -22.59 -14.60
N GLY E 113 -34.90 -21.84 -13.61
CA GLY E 113 -35.29 -20.42 -13.75
C GLY E 113 -36.74 -20.30 -14.20
N THR E 114 -37.46 -19.29 -13.70
CA THR E 114 -38.91 -19.08 -13.98
C THR E 114 -39.13 -17.63 -14.41
N SER E 115 -39.92 -17.44 -15.47
CA SER E 115 -40.26 -16.13 -16.08
C SER E 115 -41.21 -15.36 -15.16
N VAL E 116 -41.00 -14.05 -15.03
CA VAL E 116 -41.93 -13.08 -14.39
C VAL E 116 -42.14 -11.94 -15.38
N THR E 117 -43.40 -11.58 -15.64
CA THR E 117 -43.80 -10.39 -16.44
C THR E 117 -44.92 -9.66 -15.70
N VAL E 118 -44.83 -8.33 -15.61
CA VAL E 118 -45.85 -7.47 -14.93
C VAL E 118 -46.39 -6.46 -15.95
N SER E 119 -47.71 -6.52 -16.20
CA SER E 119 -48.37 -5.83 -17.34
C SER E 119 -49.88 -5.71 -17.11
N SER E 120 -50.51 -4.81 -17.87
CA SER E 120 -51.98 -4.58 -17.91
C SER E 120 -52.56 -5.17 -19.21
N ASP F 1 -21.45 -1.55 -5.06
CA ASP F 1 -20.79 -2.90 -5.22
C ASP F 1 -19.84 -2.85 -6.43
N ILE F 2 -18.85 -3.75 -6.46
CA ILE F 2 -17.70 -3.72 -7.43
C ILE F 2 -18.23 -4.15 -8.80
N GLN F 3 -18.35 -3.19 -9.73
CA GLN F 3 -18.78 -3.43 -11.14
C GLN F 3 -17.66 -4.17 -11.88
N MET F 4 -18.04 -5.04 -12.82
CA MET F 4 -17.10 -5.79 -13.70
C MET F 4 -17.55 -5.66 -15.15
N THR F 5 -16.60 -5.66 -16.08
CA THR F 5 -16.83 -5.60 -17.55
C THR F 5 -16.12 -6.78 -18.23
N GLN F 6 -16.90 -7.68 -18.84
CA GLN F 6 -16.40 -8.66 -19.85
C GLN F 6 -16.16 -7.90 -21.15
N SER F 7 -14.92 -7.90 -21.66
CA SER F 7 -14.45 -7.05 -22.77
C SER F 7 -15.28 -7.31 -24.04
N PRO F 8 -15.39 -8.55 -24.57
CA PRO F 8 -16.33 -8.84 -25.66
C PRO F 8 -17.75 -9.14 -25.15
N SER F 9 -18.75 -8.40 -25.65
CA SER F 9 -20.19 -8.63 -25.39
C SER F 9 -20.69 -9.82 -26.21
N SER F 10 -20.09 -10.08 -27.38
CA SER F 10 -20.32 -11.28 -28.21
C SER F 10 -19.07 -11.63 -29.01
N LEU F 11 -18.86 -12.93 -29.28
CA LEU F 11 -17.70 -13.48 -30.03
C LEU F 11 -18.21 -14.41 -31.14
N SER F 12 -17.59 -14.33 -32.32
CA SER F 12 -17.74 -15.28 -33.44
C SER F 12 -16.47 -16.12 -33.56
N ALA F 13 -16.57 -17.43 -33.40
CA ALA F 13 -15.42 -18.37 -33.28
C ALA F 13 -15.67 -19.65 -34.10
N SER F 14 -14.63 -20.15 -34.75
CA SER F 14 -14.64 -21.42 -35.54
C SER F 14 -14.74 -22.62 -34.59
N LEU F 15 -15.55 -23.62 -34.97
CA LEU F 15 -15.61 -24.95 -34.31
C LEU F 15 -14.22 -25.61 -34.43
N GLY F 16 -13.62 -25.98 -33.29
CA GLY F 16 -12.26 -26.54 -33.21
C GLY F 16 -11.19 -25.46 -33.07
N GLY F 17 -11.59 -24.20 -32.92
CA GLY F 17 -10.68 -23.05 -32.67
C GLY F 17 -10.57 -22.72 -31.19
N LYS F 18 -9.54 -21.97 -30.82
CA LYS F 18 -9.36 -21.40 -29.45
C LYS F 18 -10.22 -20.12 -29.34
N VAL F 19 -10.69 -19.81 -28.14
CA VAL F 19 -11.42 -18.55 -27.82
C VAL F 19 -11.15 -18.16 -26.36
N THR F 20 -11.10 -16.86 -26.07
CA THR F 20 -10.82 -16.29 -24.73
C THR F 20 -11.73 -15.09 -24.46
N ILE F 21 -12.17 -14.95 -23.20
CA ILE F 21 -12.96 -13.80 -22.67
C ILE F 21 -12.11 -13.14 -21.57
N THR F 22 -11.92 -11.82 -21.64
CA THR F 22 -11.23 -11.02 -20.61
C THR F 22 -12.28 -10.32 -19.75
N CYS F 23 -12.15 -10.46 -18.42
CA CYS F 23 -12.97 -9.74 -17.40
C CYS F 23 -12.08 -8.75 -16.66
N LYS F 24 -12.53 -7.49 -16.57
CA LYS F 24 -11.87 -6.39 -15.81
C LYS F 24 -12.80 -5.97 -14.67
N ALA F 25 -12.32 -6.08 -13.42
CA ALA F 25 -13.03 -5.62 -12.20
C ALA F 25 -12.64 -4.18 -11.90
N SER F 26 -13.54 -3.42 -11.26
CA SER F 26 -13.38 -1.98 -10.91
C SER F 26 -12.46 -1.82 -9.69
N GLN F 27 -12.24 -2.89 -8.92
CA GLN F 27 -11.30 -2.96 -7.77
C GLN F 27 -10.63 -4.34 -7.75
N ASP F 28 -9.56 -4.48 -6.96
CA ASP F 28 -8.91 -5.79 -6.67
C ASP F 28 -9.93 -6.67 -5.95
N ILE F 29 -10.18 -7.89 -6.46
CA ILE F 29 -11.20 -8.84 -5.91
C ILE F 29 -10.55 -10.19 -5.55
N ASN F 30 -9.23 -10.21 -5.31
CA ASN F 30 -8.51 -11.24 -4.50
C ASN F 30 -8.75 -12.65 -5.05
N GLU F 31 -8.83 -12.80 -6.38
CA GLU F 31 -8.97 -14.09 -7.12
C GLU F 31 -10.30 -14.80 -6.82
N TYR F 32 -11.31 -14.10 -6.27
CA TYR F 32 -12.67 -14.66 -6.07
C TYR F 32 -13.54 -14.29 -7.27
N ILE F 33 -13.21 -14.87 -8.44
CA ILE F 33 -14.08 -14.96 -9.64
C ILE F 33 -14.51 -16.41 -9.81
N ALA F 34 -15.73 -16.63 -10.29
CA ALA F 34 -16.22 -17.91 -10.84
C ALA F 34 -16.82 -17.66 -12.23
N TRP F 35 -16.64 -18.60 -13.16
CA TRP F 35 -17.11 -18.51 -14.57
C TRP F 35 -18.25 -19.51 -14.79
N TYR F 36 -19.35 -19.05 -15.40
CA TYR F 36 -20.59 -19.84 -15.63
C TYR F 36 -20.90 -19.91 -17.12
N GLN F 37 -21.32 -21.10 -17.57
CA GLN F 37 -21.87 -21.36 -18.93
C GLN F 37 -23.40 -21.36 -18.82
N HIS F 38 -24.04 -20.27 -19.25
CA HIS F 38 -25.52 -20.16 -19.36
C HIS F 38 -25.95 -20.63 -20.76
N LYS F 39 -26.29 -21.91 -20.88
CA LYS F 39 -26.90 -22.51 -22.09
C LYS F 39 -28.39 -22.13 -22.11
N PRO F 40 -28.88 -21.36 -23.11
CA PRO F 40 -30.27 -20.87 -23.11
C PRO F 40 -31.34 -21.96 -22.95
N GLY F 41 -32.37 -21.67 -22.14
CA GLY F 41 -33.48 -22.57 -21.82
C GLY F 41 -33.16 -23.56 -20.70
N LYS F 42 -32.01 -23.39 -20.03
CA LYS F 42 -31.54 -24.24 -18.90
C LYS F 42 -30.88 -23.36 -17.84
N GLY F 43 -30.78 -23.86 -16.60
CA GLY F 43 -30.02 -23.21 -15.51
C GLY F 43 -28.52 -23.18 -15.83
N PRO F 44 -27.79 -22.10 -15.50
CA PRO F 44 -26.34 -22.06 -15.73
C PRO F 44 -25.55 -23.20 -15.05
N ARG F 45 -24.44 -23.61 -15.68
CA ARG F 45 -23.45 -24.56 -15.08
C ARG F 45 -22.24 -23.75 -14.61
N LEU F 46 -21.72 -24.11 -13.43
CA LEU F 46 -20.41 -23.64 -12.91
C LEU F 46 -19.30 -24.39 -13.65
N LEU F 47 -18.39 -23.67 -14.29
CA LEU F 47 -17.19 -24.25 -14.99
C LEU F 47 -15.96 -24.12 -14.10
N ILE F 48 -15.66 -22.90 -13.63
CA ILE F 48 -14.44 -22.55 -12.84
C ILE F 48 -14.88 -21.78 -11.59
N HIS F 49 -14.46 -22.22 -10.40
CA HIS F 49 -14.99 -21.75 -9.08
C HIS F 49 -13.94 -20.94 -8.29
N TYR F 50 -12.74 -20.76 -8.84
CA TYR F 50 -11.71 -19.76 -8.41
C TYR F 50 -11.25 -19.11 -9.72
N THR F 51 -10.09 -18.45 -9.77
CA THR F 51 -9.54 -17.88 -11.04
C THR F 51 -9.31 -18.98 -12.07
N SER F 52 -8.88 -20.17 -11.64
CA SER F 52 -8.39 -21.26 -12.52
C SER F 52 -8.94 -22.65 -12.16
N THR F 53 -9.41 -22.86 -10.92
CA THR F 53 -9.83 -24.19 -10.41
C THR F 53 -11.14 -24.62 -11.10
N LEU F 54 -11.09 -25.66 -11.93
CA LEU F 54 -12.28 -26.23 -12.61
C LEU F 54 -13.14 -26.99 -11.59
N GLN F 55 -14.46 -26.95 -11.80
CA GLN F 55 -15.47 -27.81 -11.12
C GLN F 55 -15.26 -29.24 -11.58
N PRO F 56 -15.44 -30.28 -10.73
CA PRO F 56 -15.35 -31.67 -11.17
C PRO F 56 -16.42 -32.03 -12.22
N GLY F 57 -16.01 -32.77 -13.26
CA GLY F 57 -16.87 -33.20 -14.38
C GLY F 57 -16.93 -32.18 -15.50
N ILE F 58 -15.97 -31.25 -15.57
CA ILE F 58 -15.86 -30.21 -16.64
C ILE F 58 -14.70 -30.58 -17.57
N PRO F 59 -14.91 -30.64 -18.90
CA PRO F 59 -13.83 -30.96 -19.85
C PRO F 59 -12.62 -30.02 -19.74
N SER F 60 -11.42 -30.56 -19.96
CA SER F 60 -10.09 -29.93 -19.71
C SER F 60 -9.78 -28.76 -20.66
N ARG F 61 -10.60 -28.54 -21.70
CA ARG F 61 -10.41 -27.40 -22.64
C ARG F 61 -10.59 -26.07 -21.90
N PHE F 62 -11.54 -26.03 -20.97
CA PHE F 62 -11.85 -24.84 -20.13
C PHE F 62 -10.67 -24.57 -19.20
N SER F 63 -10.26 -23.31 -19.12
CA SER F 63 -9.21 -22.82 -18.19
C SER F 63 -9.39 -21.32 -17.97
N GLY F 64 -8.93 -20.84 -16.82
CA GLY F 64 -8.91 -19.42 -16.45
C GLY F 64 -7.57 -19.03 -15.85
N SER F 65 -7.23 -17.75 -15.92
CA SER F 65 -5.98 -17.18 -15.36
C SER F 65 -6.20 -15.71 -15.01
N GLY F 66 -5.12 -15.01 -14.63
CA GLY F 66 -5.13 -13.60 -14.22
C GLY F 66 -5.26 -13.46 -12.71
N SER F 67 -5.01 -12.26 -12.19
CA SER F 67 -4.96 -11.95 -10.74
C SER F 67 -5.03 -10.44 -10.53
N GLY F 68 -5.91 -9.98 -9.64
CA GLY F 68 -6.04 -8.56 -9.23
C GLY F 68 -6.53 -7.67 -10.37
N ARG F 69 -7.86 -7.64 -10.57
CA ARG F 69 -8.61 -6.67 -11.43
C ARG F 69 -8.66 -7.09 -12.90
N ASP F 70 -7.88 -8.09 -13.33
CA ASP F 70 -7.86 -8.57 -14.74
C ASP F 70 -7.74 -10.09 -14.76
N TYR F 71 -8.79 -10.76 -15.21
CA TYR F 71 -8.86 -12.23 -15.33
C TYR F 71 -9.31 -12.59 -16.73
N SER F 72 -8.97 -13.81 -17.11
CA SER F 72 -9.23 -14.37 -18.45
C SER F 72 -9.84 -15.76 -18.30
N PHE F 73 -10.81 -16.05 -19.15
CA PHE F 73 -11.45 -17.37 -19.33
C PHE F 73 -11.11 -17.82 -20.75
N SER F 74 -10.88 -19.12 -20.94
CA SER F 74 -10.30 -19.68 -22.19
C SER F 74 -10.93 -21.05 -22.49
N ILE F 75 -11.15 -21.31 -23.79
CA ILE F 75 -11.51 -22.64 -24.34
C ILE F 75 -10.47 -22.98 -25.41
N SER F 76 -9.88 -24.18 -25.35
CA SER F 76 -8.94 -24.70 -26.38
C SER F 76 -9.67 -25.70 -27.29
N ASN F 77 -9.78 -25.35 -28.59
CA ASN F 77 -10.37 -26.20 -29.66
C ASN F 77 -11.84 -26.52 -29.30
N LEU F 78 -12.69 -25.48 -29.31
CA LEU F 78 -14.09 -25.53 -28.78
C LEU F 78 -14.95 -26.48 -29.61
N GLU F 79 -15.87 -27.19 -28.94
CA GLU F 79 -16.90 -28.08 -29.54
C GLU F 79 -18.14 -27.26 -29.87
N PRO F 80 -19.08 -27.77 -30.72
CA PRO F 80 -20.35 -27.09 -30.96
C PRO F 80 -21.26 -27.07 -29.71
N GLU F 81 -21.01 -27.98 -28.75
CA GLU F 81 -21.68 -28.03 -27.44
C GLU F 81 -21.30 -26.81 -26.57
N ASP F 82 -20.15 -26.18 -26.83
CA ASP F 82 -19.61 -25.05 -26.03
C ASP F 82 -20.24 -23.71 -26.44
N ILE F 83 -21.10 -23.67 -27.47
CA ILE F 83 -21.81 -22.43 -27.91
C ILE F 83 -22.88 -22.10 -26.87
N ALA F 84 -22.69 -21.00 -26.13
CA ALA F 84 -23.49 -20.59 -24.95
C ALA F 84 -23.24 -19.10 -24.65
N THR F 85 -23.91 -18.54 -23.65
CA THR F 85 -23.57 -17.24 -23.03
C THR F 85 -22.71 -17.50 -21.78
N TYR F 86 -21.55 -16.85 -21.69
CA TYR F 86 -20.56 -17.02 -20.60
C TYR F 86 -20.54 -15.78 -19.71
N TYR F 87 -20.74 -15.98 -18.40
CA TYR F 87 -20.72 -14.93 -17.36
C TYR F 87 -19.55 -15.16 -16.41
N CYS F 88 -18.91 -14.08 -15.98
CA CYS F 88 -18.02 -14.05 -14.79
C CYS F 88 -18.80 -13.49 -13.60
N LEU F 89 -18.62 -14.12 -12.45
CA LEU F 89 -19.19 -13.70 -11.13
C LEU F 89 -18.03 -13.26 -10.25
N GLN F 90 -18.07 -12.02 -9.76
CA GLN F 90 -17.27 -11.55 -8.59
C GLN F 90 -18.00 -12.02 -7.33
N TYR F 91 -17.31 -12.69 -6.41
CA TYR F 91 -17.90 -13.21 -5.15
C TYR F 91 -16.97 -12.95 -3.96
N ASP F 92 -16.15 -11.89 -4.03
CA ASP F 92 -15.24 -11.47 -2.92
C ASP F 92 -16.10 -10.94 -1.77
N ASN F 93 -16.90 -9.89 -2.01
CA ASN F 93 -17.96 -9.42 -1.08
C ASN F 93 -19.16 -10.35 -1.23
N LEU F 94 -20.04 -10.40 -0.21
CA LEU F 94 -21.37 -11.08 -0.32
C LEU F 94 -22.32 -10.22 -1.18
N LEU F 95 -21.91 -9.01 -1.57
CA LEU F 95 -22.55 -8.25 -2.68
C LEU F 95 -22.03 -8.79 -4.00
N TRP F 96 -22.53 -9.98 -4.39
CA TRP F 96 -22.18 -10.70 -5.65
C TRP F 96 -22.49 -9.81 -6.85
N THR F 97 -21.58 -9.76 -7.82
CA THR F 97 -21.71 -8.95 -9.05
C THR F 97 -21.25 -9.76 -10.25
N PHE F 98 -22.06 -9.78 -11.32
CA PHE F 98 -21.74 -10.45 -12.61
C PHE F 98 -21.18 -9.42 -13.59
N GLY F 99 -20.41 -9.91 -14.56
CA GLY F 99 -20.13 -9.19 -15.82
C GLY F 99 -21.37 -9.16 -16.69
N GLY F 100 -21.32 -8.43 -17.81
CA GLY F 100 -22.45 -8.27 -18.74
C GLY F 100 -22.79 -9.54 -19.51
N GLY F 101 -21.91 -10.55 -19.47
CA GLY F 101 -22.06 -11.82 -20.21
C GLY F 101 -21.54 -11.70 -21.63
N THR F 102 -20.95 -12.77 -22.15
CA THR F 102 -20.43 -12.88 -23.53
C THR F 102 -21.22 -13.95 -24.28
N LYS F 103 -21.96 -13.58 -25.33
CA LYS F 103 -22.68 -14.52 -26.21
C LYS F 103 -21.71 -15.04 -27.27
N LEU F 104 -21.20 -16.26 -27.08
CA LEU F 104 -20.33 -16.96 -28.07
C LEU F 104 -21.22 -17.53 -29.18
N GLU F 105 -20.76 -17.43 -30.44
CA GLU F 105 -21.50 -17.88 -31.64
C GLU F 105 -20.53 -18.60 -32.59
N ILE F 106 -21.02 -19.63 -33.29
CA ILE F 106 -20.22 -20.46 -34.24
C ILE F 106 -20.03 -19.69 -35.55
N LYS F 107 -18.80 -19.71 -36.09
CA LYS F 107 -18.43 -19.10 -37.40
C LYS F 107 -18.52 -20.19 -38.48
ZN ZN G . 22.38 4.03 28.71
ZN ZN H . 21.87 -27.33 10.77
#